data_1N53
# 
_entry.id   1N53 
# 
_audit_conform.dict_name       mmcif_pdbx.dic 
_audit_conform.dict_version    5.392 
_audit_conform.dict_location   http://mmcif.pdb.org/dictionaries/ascii/mmcif_pdbx.dic 
# 
loop_
_database_2.database_id 
_database_2.database_code 
_database_2.pdbx_database_accession 
_database_2.pdbx_DOI 
PDB   1N53         pdb_00001n53 10.2210/pdb1n53/pdb 
RCSB  RCSB017528   ?            ?                   
WWPDB D_1000017528 ?            ?                   
# 
loop_
_pdbx_audit_revision_history.ordinal 
_pdbx_audit_revision_history.data_content_type 
_pdbx_audit_revision_history.major_revision 
_pdbx_audit_revision_history.minor_revision 
_pdbx_audit_revision_history.revision_date 
1 'Structure model' 1 0 2003-04-29 
2 'Structure model' 1 1 2008-04-28 
3 'Structure model' 1 2 2011-07-13 
4 'Structure model' 1 3 2022-02-23 
5 'Structure model' 1 4 2024-05-22 
# 
_pdbx_audit_revision_details.ordinal             1 
_pdbx_audit_revision_details.revision_ordinal    1 
_pdbx_audit_revision_details.data_content_type   'Structure model' 
_pdbx_audit_revision_details.provider            repository 
_pdbx_audit_revision_details.type                'Initial release' 
_pdbx_audit_revision_details.description         ? 
_pdbx_audit_revision_details.details             ? 
# 
loop_
_pdbx_audit_revision_group.ordinal 
_pdbx_audit_revision_group.revision_ordinal 
_pdbx_audit_revision_group.data_content_type 
_pdbx_audit_revision_group.group 
1 2 'Structure model' 'Version format compliance' 
2 3 'Structure model' 'Version format compliance' 
3 4 'Structure model' 'Data collection'           
4 4 'Structure model' 'Database references'       
5 4 'Structure model' 'Derived calculations'      
6 5 'Structure model' 'Data collection'           
# 
loop_
_pdbx_audit_revision_category.ordinal 
_pdbx_audit_revision_category.revision_ordinal 
_pdbx_audit_revision_category.data_content_type 
_pdbx_audit_revision_category.category 
1 4 'Structure model' database_2            
2 4 'Structure model' pdbx_nmr_software     
3 4 'Structure model' pdbx_struct_assembly  
4 4 'Structure model' pdbx_struct_oper_list 
5 5 'Structure model' chem_comp_atom        
6 5 'Structure model' chem_comp_bond        
# 
loop_
_pdbx_audit_revision_item.ordinal 
_pdbx_audit_revision_item.revision_ordinal 
_pdbx_audit_revision_item.data_content_type 
_pdbx_audit_revision_item.item 
1 4 'Structure model' '_database_2.pdbx_DOI'                
2 4 'Structure model' '_database_2.pdbx_database_accession' 
3 4 'Structure model' '_pdbx_nmr_software.name'             
# 
_pdbx_database_status.status_code                     REL 
_pdbx_database_status.entry_id                        1N53 
_pdbx_database_status.recvd_initial_deposition_date   2002-11-04 
_pdbx_database_status.deposit_site                    RCSB 
_pdbx_database_status.process_site                    RCSB 
_pdbx_database_status.status_code_mr                  REL 
_pdbx_database_status.SG_entry                        . 
_pdbx_database_status.pdb_format_compatible           Y 
_pdbx_database_status.status_code_sf                  ? 
_pdbx_database_status.status_code_cs                  ? 
_pdbx_database_status.status_code_nmr_data            ? 
_pdbx_database_status.methods_development_category    ? 
# 
loop_
_audit_author.name 
_audit_author.pdbx_ordinal 
'Gerdeman, M.S.' 1 
'Henkin, T.M.'   2 
'Hines, J.V.'    3 
# 
_citation.id                        primary 
_citation.title                     
;Solution Structure of the Bacillus subtilis T-box Antiterminator RNA: Seven Nucleotide 
Bulge Characterized by Stacking and Flexibility
;
_citation.journal_abbrev            J.Mol.Biol. 
_citation.journal_volume            326 
_citation.page_first                189 
_citation.page_last                 201 
_citation.year                      2003 
_citation.journal_id_ASTM           JMOBAK 
_citation.country                   UK 
_citation.journal_id_ISSN           0022-2836 
_citation.journal_id_CSD            0070 
_citation.book_publisher            ? 
_citation.pdbx_database_id_PubMed   12547201 
_citation.pdbx_database_id_DOI      '10.1016/S0022-2836(02)01339-6' 
# 
loop_
_citation_author.citation_id 
_citation_author.name 
_citation_author.ordinal 
_citation_author.identifier_ORCID 
primary 'Gerdeman, M.S.' 1 ? 
primary 'Henkin, T.M.'   2 ? 
primary 'Hines, J.V.'    3 ? 
# 
loop_
_entity.id 
_entity.type 
_entity.src_method 
_entity.pdbx_description 
_entity.formula_weight 
_entity.pdbx_number_of_molecules 
_entity.pdbx_ec 
_entity.pdbx_mutation 
_entity.pdbx_fragment 
_entity.details 
1 polymer syn 
;RNA (5'-R(*GP*AP*GP*GP*GP*UP*GP*GP*AP*AP*CP*CP*GP*CP*GP*C)-3')
;
5231.199 1 ? ? ? ? 
2 polymer syn 
;RNA (5'-R(*GP*CP*GP*UP*CP*CP*CP*UP*C)-3')
;
2783.695 1 ? ? ? ? 
# 
loop_
_entity_poly.entity_id 
_entity_poly.type 
_entity_poly.nstd_linkage 
_entity_poly.nstd_monomer 
_entity_poly.pdbx_seq_one_letter_code 
_entity_poly.pdbx_seq_one_letter_code_can 
_entity_poly.pdbx_strand_id 
_entity_poly.pdbx_target_identifier 
1 polyribonucleotide no no GAGGGUGGAACCGCGC GAGGGUGGAACCGCGC A ? 
2 polyribonucleotide no no GCGUCCCUC        GCGUCCCUC        B ? 
# 
loop_
_entity_poly_seq.entity_id 
_entity_poly_seq.num 
_entity_poly_seq.mon_id 
_entity_poly_seq.hetero 
1 1  G n 
1 2  A n 
1 3  G n 
1 4  G n 
1 5  G n 
1 6  U n 
1 7  G n 
1 8  G n 
1 9  A n 
1 10 A n 
1 11 C n 
1 12 C n 
1 13 G n 
1 14 C n 
1 15 G n 
1 16 C n 
2 1  G n 
2 2  C n 
2 3  G n 
2 4  U n 
2 5  C n 
2 6  C n 
2 7  C n 
2 8  U n 
2 9  C n 
# 
loop_
_pdbx_entity_src_syn.entity_id 
_pdbx_entity_src_syn.pdbx_src_id 
_pdbx_entity_src_syn.pdbx_alt_source_flag 
_pdbx_entity_src_syn.pdbx_beg_seq_num 
_pdbx_entity_src_syn.pdbx_end_seq_num 
_pdbx_entity_src_syn.organism_scientific 
_pdbx_entity_src_syn.organism_common_name 
_pdbx_entity_src_syn.ncbi_taxonomy_id 
_pdbx_entity_src_syn.details 
1 1 sample ? ? ? ? ? 'Synthesized using T7 RNA polymerase' 
2 1 sample ? ? ? ? ? 'Synthesized using T7 RNA polymerase' 
# 
loop_
_chem_comp.id 
_chem_comp.type 
_chem_comp.mon_nstd_flag 
_chem_comp.name 
_chem_comp.pdbx_synonyms 
_chem_comp.formula 
_chem_comp.formula_weight 
A 'RNA linking' y "ADENOSINE-5'-MONOPHOSPHATE" ? 'C10 H14 N5 O7 P' 347.221 
C 'RNA linking' y "CYTIDINE-5'-MONOPHOSPHATE"  ? 'C9 H14 N3 O8 P'  323.197 
G 'RNA linking' y "GUANOSINE-5'-MONOPHOSPHATE" ? 'C10 H14 N5 O8 P' 363.221 
U 'RNA linking' y "URIDINE-5'-MONOPHOSPHATE"   ? 'C9 H13 N2 O9 P'  324.181 
# 
loop_
_pdbx_poly_seq_scheme.asym_id 
_pdbx_poly_seq_scheme.entity_id 
_pdbx_poly_seq_scheme.seq_id 
_pdbx_poly_seq_scheme.mon_id 
_pdbx_poly_seq_scheme.ndb_seq_num 
_pdbx_poly_seq_scheme.pdb_seq_num 
_pdbx_poly_seq_scheme.auth_seq_num 
_pdbx_poly_seq_scheme.pdb_mon_id 
_pdbx_poly_seq_scheme.auth_mon_id 
_pdbx_poly_seq_scheme.pdb_strand_id 
_pdbx_poly_seq_scheme.pdb_ins_code 
_pdbx_poly_seq_scheme.hetero 
A 1 1  G 1  1  1  G G A . n 
A 1 2  A 2  2  2  A A A . n 
A 1 3  G 3  3  3  G G A . n 
A 1 4  G 4  4  4  G G A . n 
A 1 5  G 5  5  5  G G A . n 
A 1 6  U 6  6  6  U U A . n 
A 1 7  G 7  7  7  G G A . n 
A 1 8  G 8  8  8  G G A . n 
A 1 9  A 9  9  9  A A A . n 
A 1 10 A 10 10 10 A A A . n 
A 1 11 C 11 11 11 C C A . n 
A 1 12 C 12 12 12 C C A . n 
A 1 13 G 13 13 13 G G A . n 
A 1 14 C 14 14 14 C C A . n 
A 1 15 G 15 15 15 G G A . n 
A 1 16 C 16 16 16 C C A . n 
B 2 1  G 1  17 17 G G B . n 
B 2 2  C 2  18 18 C C B . n 
B 2 3  G 3  19 19 G G B . n 
B 2 4  U 4  20 20 U U B . n 
B 2 5  C 5  21 21 C C B . n 
B 2 6  C 6  22 22 C C B . n 
B 2 7  C 7  23 23 C C B . n 
B 2 8  U 8  24 24 U U B . n 
B 2 9  C 9  25 25 C C B . n 
# 
_cell.entry_id           1N53 
_cell.length_a           1.000 
_cell.length_b           1.000 
_cell.length_c           1.000 
_cell.angle_alpha        90.00 
_cell.angle_beta         90.00 
_cell.angle_gamma        90.00 
_cell.Z_PDB              1 
_cell.pdbx_unique_axis   ? 
# 
_symmetry.entry_id                         1N53 
_symmetry.space_group_name_H-M             'P 1' 
_symmetry.pdbx_full_space_group_name_H-M   ? 
_symmetry.cell_setting                     ? 
_symmetry.Int_Tables_number                1 
# 
_exptl.entry_id          1N53 
_exptl.method            'SOLUTION NMR' 
_exptl.crystals_number   ? 
# 
_exptl_crystal.id                    1 
_exptl_crystal.density_meas          ? 
_exptl_crystal.density_Matthews      ? 
_exptl_crystal.density_percent_sol   ? 
_exptl_crystal.description           ? 
# 
_diffrn.id                     1 
_diffrn.ambient_temp           ? 
_diffrn.ambient_temp_details   ? 
_diffrn.crystal_id             1 
# 
_diffrn_radiation.diffrn_id                        1 
_diffrn_radiation.wavelength_id                    1 
_diffrn_radiation.pdbx_monochromatic_or_laue_m_l   M 
_diffrn_radiation.monochromator                    ? 
_diffrn_radiation.pdbx_diffrn_protocol             'SINGLE WAVELENGTH' 
_diffrn_radiation.pdbx_scattering_type             ? 
# 
_diffrn_radiation_wavelength.id           1 
_diffrn_radiation_wavelength.wavelength   . 
_diffrn_radiation_wavelength.wt           1.0 
# 
_struct.entry_id                  1N53 
_struct.title                     'SOLUTION STRUCTURE OF B. SUBTILIS T BOX ANTITERMINATOR RNA' 
_struct.pdbx_model_details        ? 
_struct.pdbx_CASP_flag            ? 
_struct.pdbx_model_type_details   ? 
# 
_struct_keywords.entry_id        1N53 
_struct_keywords.pdbx_keywords   RNA 
_struct_keywords.text            'RNA, T box, bulge' 
# 
loop_
_struct_asym.id 
_struct_asym.pdbx_blank_PDB_chainid_flag 
_struct_asym.pdbx_modified 
_struct_asym.entity_id 
_struct_asym.details 
A N N 1 ? 
B N N 2 ? 
# 
loop_
_struct_ref.id 
_struct_ref.entity_id 
_struct_ref.db_name 
_struct_ref.db_code 
_struct_ref.pdbx_db_accession 
_struct_ref.pdbx_db_isoform 
_struct_ref.pdbx_seq_one_letter_code 
_struct_ref.pdbx_align_begin 
1 1 PDB 1N53 1N53 ? ? ? 
2 2 PDB 1N53 1N53 ? ? ? 
# 
loop_
_struct_ref_seq.align_id 
_struct_ref_seq.ref_id 
_struct_ref_seq.pdbx_PDB_id_code 
_struct_ref_seq.pdbx_strand_id 
_struct_ref_seq.seq_align_beg 
_struct_ref_seq.pdbx_seq_align_beg_ins_code 
_struct_ref_seq.seq_align_end 
_struct_ref_seq.pdbx_seq_align_end_ins_code 
_struct_ref_seq.pdbx_db_accession 
_struct_ref_seq.db_align_beg 
_struct_ref_seq.pdbx_db_align_beg_ins_code 
_struct_ref_seq.db_align_end 
_struct_ref_seq.pdbx_db_align_end_ins_code 
_struct_ref_seq.pdbx_auth_seq_align_beg 
_struct_ref_seq.pdbx_auth_seq_align_end 
1 1 1N53 A 1 ? 16 ? 1N53 1  ? 16 ? 1  16 
2 2 1N53 B 1 ? 9  ? 1N53 17 ? 25 ? 17 25 
# 
_pdbx_struct_assembly.id                   1 
_pdbx_struct_assembly.details              author_defined_assembly 
_pdbx_struct_assembly.method_details       ? 
_pdbx_struct_assembly.oligomeric_details   dimeric 
_pdbx_struct_assembly.oligomeric_count     2 
# 
_pdbx_struct_assembly_gen.assembly_id       1 
_pdbx_struct_assembly_gen.oper_expression   1 
_pdbx_struct_assembly_gen.asym_id_list      A,B 
# 
_pdbx_struct_oper_list.id                   1 
_pdbx_struct_oper_list.type                 'identity operation' 
_pdbx_struct_oper_list.name                 1_555 
_pdbx_struct_oper_list.symmetry_operation   x,y,z 
_pdbx_struct_oper_list.matrix[1][1]         1.0000000000 
_pdbx_struct_oper_list.matrix[1][2]         0.0000000000 
_pdbx_struct_oper_list.matrix[1][3]         0.0000000000 
_pdbx_struct_oper_list.vector[1]            0.0000000000 
_pdbx_struct_oper_list.matrix[2][1]         0.0000000000 
_pdbx_struct_oper_list.matrix[2][2]         1.0000000000 
_pdbx_struct_oper_list.matrix[2][3]         0.0000000000 
_pdbx_struct_oper_list.vector[2]            0.0000000000 
_pdbx_struct_oper_list.matrix[3][1]         0.0000000000 
_pdbx_struct_oper_list.matrix[3][2]         0.0000000000 
_pdbx_struct_oper_list.matrix[3][3]         1.0000000000 
_pdbx_struct_oper_list.vector[3]            0.0000000000 
# 
_struct_biol.id   1 
# 
loop_
_struct_conn.id 
_struct_conn.conn_type_id 
_struct_conn.pdbx_leaving_atom_flag 
_struct_conn.pdbx_PDB_id 
_struct_conn.ptnr1_label_asym_id 
_struct_conn.ptnr1_label_comp_id 
_struct_conn.ptnr1_label_seq_id 
_struct_conn.ptnr1_label_atom_id 
_struct_conn.pdbx_ptnr1_label_alt_id 
_struct_conn.pdbx_ptnr1_PDB_ins_code 
_struct_conn.pdbx_ptnr1_standard_comp_id 
_struct_conn.ptnr1_symmetry 
_struct_conn.ptnr2_label_asym_id 
_struct_conn.ptnr2_label_comp_id 
_struct_conn.ptnr2_label_seq_id 
_struct_conn.ptnr2_label_atom_id 
_struct_conn.pdbx_ptnr2_label_alt_id 
_struct_conn.pdbx_ptnr2_PDB_ins_code 
_struct_conn.ptnr1_auth_asym_id 
_struct_conn.ptnr1_auth_comp_id 
_struct_conn.ptnr1_auth_seq_id 
_struct_conn.ptnr2_auth_asym_id 
_struct_conn.ptnr2_auth_comp_id 
_struct_conn.ptnr2_auth_seq_id 
_struct_conn.ptnr2_symmetry 
_struct_conn.pdbx_ptnr3_label_atom_id 
_struct_conn.pdbx_ptnr3_label_seq_id 
_struct_conn.pdbx_ptnr3_label_comp_id 
_struct_conn.pdbx_ptnr3_label_asym_id 
_struct_conn.pdbx_ptnr3_label_alt_id 
_struct_conn.pdbx_ptnr3_PDB_ins_code 
_struct_conn.details 
_struct_conn.pdbx_dist_value 
_struct_conn.pdbx_value_order 
_struct_conn.pdbx_role 
hydrog1  hydrog ? ? A G 1  N1 ? ? ? 1_555 B C 9 N3 ? ? A G 1  B C 25 1_555 ? ? ? ? ? ? WATSON-CRICK ? ? ? 
hydrog2  hydrog ? ? A G 1  N2 ? ? ? 1_555 B C 9 O2 ? ? A G 1  B C 25 1_555 ? ? ? ? ? ? WATSON-CRICK ? ? ? 
hydrog3  hydrog ? ? A G 1  O6 ? ? ? 1_555 B C 9 N4 ? ? A G 1  B C 25 1_555 ? ? ? ? ? ? WATSON-CRICK ? ? ? 
hydrog4  hydrog ? ? A A 2  N1 ? ? ? 1_555 B U 8 N3 ? ? A A 2  B U 24 1_555 ? ? ? ? ? ? WATSON-CRICK ? ? ? 
hydrog5  hydrog ? ? A A 2  N6 ? ? ? 1_555 B U 8 O4 ? ? A A 2  B U 24 1_555 ? ? ? ? ? ? WATSON-CRICK ? ? ? 
hydrog6  hydrog ? ? A G 3  N1 ? ? ? 1_555 B C 7 N3 ? ? A G 3  B C 23 1_555 ? ? ? ? ? ? WATSON-CRICK ? ? ? 
hydrog7  hydrog ? ? A G 3  N2 ? ? ? 1_555 B C 7 O2 ? ? A G 3  B C 23 1_555 ? ? ? ? ? ? WATSON-CRICK ? ? ? 
hydrog8  hydrog ? ? A G 3  O6 ? ? ? 1_555 B C 7 N4 ? ? A G 3  B C 23 1_555 ? ? ? ? ? ? WATSON-CRICK ? ? ? 
hydrog9  hydrog ? ? A G 4  N1 ? ? ? 1_555 B C 6 N3 ? ? A G 4  B C 22 1_555 ? ? ? ? ? ? WATSON-CRICK ? ? ? 
hydrog10 hydrog ? ? A G 4  N2 ? ? ? 1_555 B C 6 O2 ? ? A G 4  B C 22 1_555 ? ? ? ? ? ? WATSON-CRICK ? ? ? 
hydrog11 hydrog ? ? A G 4  O6 ? ? ? 1_555 B C 6 N4 ? ? A G 4  B C 22 1_555 ? ? ? ? ? ? WATSON-CRICK ? ? ? 
hydrog12 hydrog ? ? A G 13 N1 ? ? ? 1_555 B U 4 O2 ? ? A G 13 B U 20 1_555 ? ? ? ? ? ? TYPE_28_PAIR ? ? ? 
hydrog13 hydrog ? ? A G 13 O6 ? ? ? 1_555 B U 4 N3 ? ? A G 13 B U 20 1_555 ? ? ? ? ? ? TYPE_28_PAIR ? ? ? 
hydrog14 hydrog ? ? A C 14 N3 ? ? ? 1_555 B G 3 N1 ? ? A C 14 B G 19 1_555 ? ? ? ? ? ? WATSON-CRICK ? ? ? 
hydrog15 hydrog ? ? A C 14 N4 ? ? ? 1_555 B G 3 O6 ? ? A C 14 B G 19 1_555 ? ? ? ? ? ? WATSON-CRICK ? ? ? 
hydrog16 hydrog ? ? A C 14 O2 ? ? ? 1_555 B G 3 N2 ? ? A C 14 B G 19 1_555 ? ? ? ? ? ? WATSON-CRICK ? ? ? 
hydrog17 hydrog ? ? A G 15 N1 ? ? ? 1_555 B C 2 N3 ? ? A G 15 B C 18 1_555 ? ? ? ? ? ? WATSON-CRICK ? ? ? 
hydrog18 hydrog ? ? A G 15 N2 ? ? ? 1_555 B C 2 O2 ? ? A G 15 B C 18 1_555 ? ? ? ? ? ? WATSON-CRICK ? ? ? 
hydrog19 hydrog ? ? A G 15 O6 ? ? ? 1_555 B C 2 N4 ? ? A G 15 B C 18 1_555 ? ? ? ? ? ? WATSON-CRICK ? ? ? 
hydrog20 hydrog ? ? A C 16 N3 ? ? ? 1_555 B G 1 N1 ? ? A C 16 B G 17 1_555 ? ? ? ? ? ? WATSON-CRICK ? ? ? 
hydrog21 hydrog ? ? A C 16 N4 ? ? ? 1_555 B G 1 O6 ? ? A C 16 B G 17 1_555 ? ? ? ? ? ? WATSON-CRICK ? ? ? 
hydrog22 hydrog ? ? A C 16 O2 ? ? ? 1_555 B G 1 N2 ? ? A C 16 B G 17 1_555 ? ? ? ? ? ? WATSON-CRICK ? ? ? 
# 
_struct_conn_type.id          hydrog 
_struct_conn_type.criteria    ? 
_struct_conn_type.reference   ? 
# 
loop_
_pdbx_validate_close_contact.id 
_pdbx_validate_close_contact.PDB_model_num 
_pdbx_validate_close_contact.auth_atom_id_1 
_pdbx_validate_close_contact.auth_asym_id_1 
_pdbx_validate_close_contact.auth_comp_id_1 
_pdbx_validate_close_contact.auth_seq_id_1 
_pdbx_validate_close_contact.PDB_ins_code_1 
_pdbx_validate_close_contact.label_alt_id_1 
_pdbx_validate_close_contact.auth_atom_id_2 
_pdbx_validate_close_contact.auth_asym_id_2 
_pdbx_validate_close_contact.auth_comp_id_2 
_pdbx_validate_close_contact.auth_seq_id_2 
_pdbx_validate_close_contact.PDB_ins_code_2 
_pdbx_validate_close_contact.label_alt_id_2 
_pdbx_validate_close_contact.dist 
1 1 "HO2'" A G 7  ? ? "O5'" A G 8  ? ? 1.42 
2 1 "HO2'" B C 23 ? ? "O4'" B U 24 ? ? 1.51 
3 1 H62    A A 9  ? ? "O2'" B C 21 ? ? 1.55 
4 1 "H2'"  A G 13 ? ? "O4'" A C 14 ? ? 1.58 
# 
_pdbx_nmr_ensemble.entry_id                                      1N53 
_pdbx_nmr_ensemble.conformers_calculated_total_number            50 
_pdbx_nmr_ensemble.conformers_submitted_total_number             1 
_pdbx_nmr_ensemble.conformer_selection_criteria                  
;The minimized average structure of the 9 lowest energy structures (all with favorable non-bond energy and the fewest number of constraint violations) is submitted.
;
_pdbx_nmr_ensemble.average_constraints_per_residue               ? 
_pdbx_nmr_ensemble.average_constraint_violations_per_residue     ? 
_pdbx_nmr_ensemble.maximum_distance_constraint_violation         ? 
_pdbx_nmr_ensemble.average_distance_constraint_violation         ? 
_pdbx_nmr_ensemble.maximum_upper_distance_constraint_violation   ? 
_pdbx_nmr_ensemble.maximum_lower_distance_constraint_violation   ? 
_pdbx_nmr_ensemble.distance_constraint_violation_method          ? 
_pdbx_nmr_ensemble.maximum_torsion_angle_constraint_violation    ? 
_pdbx_nmr_ensemble.average_torsion_angle_constraint_violation    ? 
_pdbx_nmr_ensemble.torsion_angle_constraint_violation_method     ? 
# 
_pdbx_nmr_representative.entry_id             1N53 
_pdbx_nmr_representative.conformer_id         1 
_pdbx_nmr_representative.selection_criteria   ? 
# 
loop_
_pdbx_nmr_sample_details.solution_id 
_pdbx_nmr_sample_details.contents 
_pdbx_nmr_sample_details.solvent_system 
1 '0.7 mM (U-15N, U-13C) or 1.2 mM (unlabeled) T box model RNA (AM1A); 10 mM sodium phosphate buffer pH 6.5, 0.01 mM EDTA' 
'100% D2O'        
2 '0.7 mM (U-15N, U-13C) or 1.2 mM (unlabeled) T box model RNA (AM1A); 10 mM sodium phosphate buffer pH 6.5, 0.01 mM EDTA' 
'90% H2O/10% D2O' 
# 
loop_
_pdbx_nmr_exptl_sample_conditions.conditions_id 
_pdbx_nmr_exptl_sample_conditions.temperature 
_pdbx_nmr_exptl_sample_conditions.pressure 
_pdbx_nmr_exptl_sample_conditions.pH 
_pdbx_nmr_exptl_sample_conditions.ionic_strength 
_pdbx_nmr_exptl_sample_conditions.pressure_units 
_pdbx_nmr_exptl_sample_conditions.temperature_units 
1 295 ambient 6.5 '10 mM' ? K 
2 277 ambient 6.5 '10 mM' ? K 
# 
loop_
_pdbx_nmr_exptl.experiment_id 
_pdbx_nmr_exptl.solution_id 
_pdbx_nmr_exptl.conditions_id 
_pdbx_nmr_exptl.type 
1 1 1 '2D NOESY'             
2 1 1 '2D TOCSY'             
3 1 1 DQF-COSY               
4 1 1 3D_13C-separated_NOESY 
5 1 1 2D_HSQC                
6 1 1 2D_1H_31P_HETCOR       
# 
_pdbx_nmr_details.entry_id   1N53 
_pdbx_nmr_details.text       'This structure was determined using standard 2D and 3D homonuclear and heteronuclear NMR techniques.' 
# 
_pdbx_nmr_refine.entry_id           1N53 
_pdbx_nmr_refine.method             'distance geometry, simulated annealing, molecular dynamics' 
_pdbx_nmr_refine.details            'A total of 313 distance constraints and 59 dihedral angle constraints were used.' 
_pdbx_nmr_refine.software_ordinal   1 
# 
loop_
_pdbx_nmr_software.name 
_pdbx_nmr_software.version 
_pdbx_nmr_software.classification 
_pdbx_nmr_software.authors 
_pdbx_nmr_software.ordinal 
Felix   95,98 processing           ?       1 
X-PLOR  98.1  'structure solution' Brunger 2 
XwinNMR ?     processing           ?       3 
X-PLOR  98.1  refinement           Brunger 4 
# 
loop_
_chem_comp_atom.comp_id 
_chem_comp_atom.atom_id 
_chem_comp_atom.type_symbol 
_chem_comp_atom.pdbx_aromatic_flag 
_chem_comp_atom.pdbx_stereo_config 
_chem_comp_atom.pdbx_ordinal 
A OP3    O N N 1   
A P      P N N 2   
A OP1    O N N 3   
A OP2    O N N 4   
A "O5'"  O N N 5   
A "C5'"  C N N 6   
A "C4'"  C N R 7   
A "O4'"  O N N 8   
A "C3'"  C N S 9   
A "O3'"  O N N 10  
A "C2'"  C N R 11  
A "O2'"  O N N 12  
A "C1'"  C N R 13  
A N9     N Y N 14  
A C8     C Y N 15  
A N7     N Y N 16  
A C5     C Y N 17  
A C6     C Y N 18  
A N6     N N N 19  
A N1     N Y N 20  
A C2     C Y N 21  
A N3     N Y N 22  
A C4     C Y N 23  
A HOP3   H N N 24  
A HOP2   H N N 25  
A "H5'"  H N N 26  
A "H5''" H N N 27  
A "H4'"  H N N 28  
A "H3'"  H N N 29  
A "HO3'" H N N 30  
A "H2'"  H N N 31  
A "HO2'" H N N 32  
A "H1'"  H N N 33  
A H8     H N N 34  
A H61    H N N 35  
A H62    H N N 36  
A H2     H N N 37  
C OP3    O N N 38  
C P      P N N 39  
C OP1    O N N 40  
C OP2    O N N 41  
C "O5'"  O N N 42  
C "C5'"  C N N 43  
C "C4'"  C N R 44  
C "O4'"  O N N 45  
C "C3'"  C N S 46  
C "O3'"  O N N 47  
C "C2'"  C N R 48  
C "O2'"  O N N 49  
C "C1'"  C N R 50  
C N1     N N N 51  
C C2     C N N 52  
C O2     O N N 53  
C N3     N N N 54  
C C4     C N N 55  
C N4     N N N 56  
C C5     C N N 57  
C C6     C N N 58  
C HOP3   H N N 59  
C HOP2   H N N 60  
C "H5'"  H N N 61  
C "H5''" H N N 62  
C "H4'"  H N N 63  
C "H3'"  H N N 64  
C "HO3'" H N N 65  
C "H2'"  H N N 66  
C "HO2'" H N N 67  
C "H1'"  H N N 68  
C H41    H N N 69  
C H42    H N N 70  
C H5     H N N 71  
C H6     H N N 72  
G OP3    O N N 73  
G P      P N N 74  
G OP1    O N N 75  
G OP2    O N N 76  
G "O5'"  O N N 77  
G "C5'"  C N N 78  
G "C4'"  C N R 79  
G "O4'"  O N N 80  
G "C3'"  C N S 81  
G "O3'"  O N N 82  
G "C2'"  C N R 83  
G "O2'"  O N N 84  
G "C1'"  C N R 85  
G N9     N Y N 86  
G C8     C Y N 87  
G N7     N Y N 88  
G C5     C Y N 89  
G C6     C N N 90  
G O6     O N N 91  
G N1     N N N 92  
G C2     C N N 93  
G N2     N N N 94  
G N3     N N N 95  
G C4     C Y N 96  
G HOP3   H N N 97  
G HOP2   H N N 98  
G "H5'"  H N N 99  
G "H5''" H N N 100 
G "H4'"  H N N 101 
G "H3'"  H N N 102 
G "HO3'" H N N 103 
G "H2'"  H N N 104 
G "HO2'" H N N 105 
G "H1'"  H N N 106 
G H8     H N N 107 
G H1     H N N 108 
G H21    H N N 109 
G H22    H N N 110 
U OP3    O N N 111 
U P      P N N 112 
U OP1    O N N 113 
U OP2    O N N 114 
U "O5'"  O N N 115 
U "C5'"  C N N 116 
U "C4'"  C N R 117 
U "O4'"  O N N 118 
U "C3'"  C N S 119 
U "O3'"  O N N 120 
U "C2'"  C N R 121 
U "O2'"  O N N 122 
U "C1'"  C N R 123 
U N1     N N N 124 
U C2     C N N 125 
U O2     O N N 126 
U N3     N N N 127 
U C4     C N N 128 
U O4     O N N 129 
U C5     C N N 130 
U C6     C N N 131 
U HOP3   H N N 132 
U HOP2   H N N 133 
U "H5'"  H N N 134 
U "H5''" H N N 135 
U "H4'"  H N N 136 
U "H3'"  H N N 137 
U "HO3'" H N N 138 
U "H2'"  H N N 139 
U "HO2'" H N N 140 
U "H1'"  H N N 141 
U H3     H N N 142 
U H5     H N N 143 
U H6     H N N 144 
# 
loop_
_chem_comp_bond.comp_id 
_chem_comp_bond.atom_id_1 
_chem_comp_bond.atom_id_2 
_chem_comp_bond.value_order 
_chem_comp_bond.pdbx_aromatic_flag 
_chem_comp_bond.pdbx_stereo_config 
_chem_comp_bond.pdbx_ordinal 
A OP3   P      sing N N 1   
A OP3   HOP3   sing N N 2   
A P     OP1    doub N N 3   
A P     OP2    sing N N 4   
A P     "O5'"  sing N N 5   
A OP2   HOP2   sing N N 6   
A "O5'" "C5'"  sing N N 7   
A "C5'" "C4'"  sing N N 8   
A "C5'" "H5'"  sing N N 9   
A "C5'" "H5''" sing N N 10  
A "C4'" "O4'"  sing N N 11  
A "C4'" "C3'"  sing N N 12  
A "C4'" "H4'"  sing N N 13  
A "O4'" "C1'"  sing N N 14  
A "C3'" "O3'"  sing N N 15  
A "C3'" "C2'"  sing N N 16  
A "C3'" "H3'"  sing N N 17  
A "O3'" "HO3'" sing N N 18  
A "C2'" "O2'"  sing N N 19  
A "C2'" "C1'"  sing N N 20  
A "C2'" "H2'"  sing N N 21  
A "O2'" "HO2'" sing N N 22  
A "C1'" N9     sing N N 23  
A "C1'" "H1'"  sing N N 24  
A N9    C8     sing Y N 25  
A N9    C4     sing Y N 26  
A C8    N7     doub Y N 27  
A C8    H8     sing N N 28  
A N7    C5     sing Y N 29  
A C5    C6     sing Y N 30  
A C5    C4     doub Y N 31  
A C6    N6     sing N N 32  
A C6    N1     doub Y N 33  
A N6    H61    sing N N 34  
A N6    H62    sing N N 35  
A N1    C2     sing Y N 36  
A C2    N3     doub Y N 37  
A C2    H2     sing N N 38  
A N3    C4     sing Y N 39  
C OP3   P      sing N N 40  
C OP3   HOP3   sing N N 41  
C P     OP1    doub N N 42  
C P     OP2    sing N N 43  
C P     "O5'"  sing N N 44  
C OP2   HOP2   sing N N 45  
C "O5'" "C5'"  sing N N 46  
C "C5'" "C4'"  sing N N 47  
C "C5'" "H5'"  sing N N 48  
C "C5'" "H5''" sing N N 49  
C "C4'" "O4'"  sing N N 50  
C "C4'" "C3'"  sing N N 51  
C "C4'" "H4'"  sing N N 52  
C "O4'" "C1'"  sing N N 53  
C "C3'" "O3'"  sing N N 54  
C "C3'" "C2'"  sing N N 55  
C "C3'" "H3'"  sing N N 56  
C "O3'" "HO3'" sing N N 57  
C "C2'" "O2'"  sing N N 58  
C "C2'" "C1'"  sing N N 59  
C "C2'" "H2'"  sing N N 60  
C "O2'" "HO2'" sing N N 61  
C "C1'" N1     sing N N 62  
C "C1'" "H1'"  sing N N 63  
C N1    C2     sing N N 64  
C N1    C6     sing N N 65  
C C2    O2     doub N N 66  
C C2    N3     sing N N 67  
C N3    C4     doub N N 68  
C C4    N4     sing N N 69  
C C4    C5     sing N N 70  
C N4    H41    sing N N 71  
C N4    H42    sing N N 72  
C C5    C6     doub N N 73  
C C5    H5     sing N N 74  
C C6    H6     sing N N 75  
G OP3   P      sing N N 76  
G OP3   HOP3   sing N N 77  
G P     OP1    doub N N 78  
G P     OP2    sing N N 79  
G P     "O5'"  sing N N 80  
G OP2   HOP2   sing N N 81  
G "O5'" "C5'"  sing N N 82  
G "C5'" "C4'"  sing N N 83  
G "C5'" "H5'"  sing N N 84  
G "C5'" "H5''" sing N N 85  
G "C4'" "O4'"  sing N N 86  
G "C4'" "C3'"  sing N N 87  
G "C4'" "H4'"  sing N N 88  
G "O4'" "C1'"  sing N N 89  
G "C3'" "O3'"  sing N N 90  
G "C3'" "C2'"  sing N N 91  
G "C3'" "H3'"  sing N N 92  
G "O3'" "HO3'" sing N N 93  
G "C2'" "O2'"  sing N N 94  
G "C2'" "C1'"  sing N N 95  
G "C2'" "H2'"  sing N N 96  
G "O2'" "HO2'" sing N N 97  
G "C1'" N9     sing N N 98  
G "C1'" "H1'"  sing N N 99  
G N9    C8     sing Y N 100 
G N9    C4     sing Y N 101 
G C8    N7     doub Y N 102 
G C8    H8     sing N N 103 
G N7    C5     sing Y N 104 
G C5    C6     sing N N 105 
G C5    C4     doub Y N 106 
G C6    O6     doub N N 107 
G C6    N1     sing N N 108 
G N1    C2     sing N N 109 
G N1    H1     sing N N 110 
G C2    N2     sing N N 111 
G C2    N3     doub N N 112 
G N2    H21    sing N N 113 
G N2    H22    sing N N 114 
G N3    C4     sing N N 115 
U OP3   P      sing N N 116 
U OP3   HOP3   sing N N 117 
U P     OP1    doub N N 118 
U P     OP2    sing N N 119 
U P     "O5'"  sing N N 120 
U OP2   HOP2   sing N N 121 
U "O5'" "C5'"  sing N N 122 
U "C5'" "C4'"  sing N N 123 
U "C5'" "H5'"  sing N N 124 
U "C5'" "H5''" sing N N 125 
U "C4'" "O4'"  sing N N 126 
U "C4'" "C3'"  sing N N 127 
U "C4'" "H4'"  sing N N 128 
U "O4'" "C1'"  sing N N 129 
U "C3'" "O3'"  sing N N 130 
U "C3'" "C2'"  sing N N 131 
U "C3'" "H3'"  sing N N 132 
U "O3'" "HO3'" sing N N 133 
U "C2'" "O2'"  sing N N 134 
U "C2'" "C1'"  sing N N 135 
U "C2'" "H2'"  sing N N 136 
U "O2'" "HO2'" sing N N 137 
U "C1'" N1     sing N N 138 
U "C1'" "H1'"  sing N N 139 
U N1    C2     sing N N 140 
U N1    C6     sing N N 141 
U C2    O2     doub N N 142 
U C2    N3     sing N N 143 
U N3    C4     sing N N 144 
U N3    H3     sing N N 145 
U C4    O4     doub N N 146 
U C4    C5     sing N N 147 
U C5    C6     doub N N 148 
U C5    H5     sing N N 149 
U C6    H6     sing N N 150 
# 
loop_
_ndb_struct_conf_na.entry_id 
_ndb_struct_conf_na.feature 
1N53 'double helix'         
1N53 'mismatched base pair' 
1N53 'internal loop'        
# 
loop_
_ndb_struct_na_base_pair.model_number 
_ndb_struct_na_base_pair.i_label_asym_id 
_ndb_struct_na_base_pair.i_label_comp_id 
_ndb_struct_na_base_pair.i_label_seq_id 
_ndb_struct_na_base_pair.i_symmetry 
_ndb_struct_na_base_pair.j_label_asym_id 
_ndb_struct_na_base_pair.j_label_comp_id 
_ndb_struct_na_base_pair.j_label_seq_id 
_ndb_struct_na_base_pair.j_symmetry 
_ndb_struct_na_base_pair.shear 
_ndb_struct_na_base_pair.stretch 
_ndb_struct_na_base_pair.stagger 
_ndb_struct_na_base_pair.buckle 
_ndb_struct_na_base_pair.propeller 
_ndb_struct_na_base_pair.opening 
_ndb_struct_na_base_pair.pair_number 
_ndb_struct_na_base_pair.pair_name 
_ndb_struct_na_base_pair.i_auth_asym_id 
_ndb_struct_na_base_pair.i_auth_seq_id 
_ndb_struct_na_base_pair.i_PDB_ins_code 
_ndb_struct_na_base_pair.j_auth_asym_id 
_ndb_struct_na_base_pair.j_auth_seq_id 
_ndb_struct_na_base_pair.j_PDB_ins_code 
_ndb_struct_na_base_pair.hbond_type_28 
_ndb_struct_na_base_pair.hbond_type_12 
1 A G 1  1_555 B C 9 1_555 -0.288 -0.307 0.133  -11.901 -20.552 -2.695  1 A_G1:C25_B  A 1  ? B 25 ? 19 1 
1 A A 2  1_555 B U 8 1_555 0.377  -0.392 0.971  9.317   -13.270 -9.379  2 A_A2:U24_B  A 2  ? B 24 ? 20 1 
1 A G 3  1_555 B C 7 1_555 -0.039 -0.282 1.123  30.482  -12.115 -7.357  3 A_G3:C23_B  A 3  ? B 23 ? 19 1 
1 A G 4  1_555 B C 6 1_555 -0.402 -0.344 0.365  19.614  -23.793 3.773   4 A_G4:C22_B  A 4  ? B 22 ? 19 1 
1 A G 13 1_555 B U 4 1_555 -2.796 -0.911 -0.707 5.661   18.261  -10.426 5 A_G13:U20_B A 13 ? B 20 ? 28 ? 
1 A C 14 1_555 B G 3 1_555 0.395  -0.313 -0.706 18.152  -18.539 -0.626  6 A_C14:G19_B A 14 ? B 19 ? 19 1 
1 A G 15 1_555 B C 2 1_555 0.717  -1.341 -2.267 -18.243 -5.614  -5.713  7 A_G15:C18_B A 15 ? B 18 ? 19 1 
1 A C 16 1_555 B G 1 1_555 0.379  -0.231 0.600  -25.722 11.869  -1.969  8 A_C16:G17_B A 16 ? B 17 ? 19 1 
# 
loop_
_ndb_struct_na_base_pair_step.model_number 
_ndb_struct_na_base_pair_step.i_label_asym_id_1 
_ndb_struct_na_base_pair_step.i_label_comp_id_1 
_ndb_struct_na_base_pair_step.i_label_seq_id_1 
_ndb_struct_na_base_pair_step.i_symmetry_1 
_ndb_struct_na_base_pair_step.j_label_asym_id_1 
_ndb_struct_na_base_pair_step.j_label_comp_id_1 
_ndb_struct_na_base_pair_step.j_label_seq_id_1 
_ndb_struct_na_base_pair_step.j_symmetry_1 
_ndb_struct_na_base_pair_step.i_label_asym_id_2 
_ndb_struct_na_base_pair_step.i_label_comp_id_2 
_ndb_struct_na_base_pair_step.i_label_seq_id_2 
_ndb_struct_na_base_pair_step.i_symmetry_2 
_ndb_struct_na_base_pair_step.j_label_asym_id_2 
_ndb_struct_na_base_pair_step.j_label_comp_id_2 
_ndb_struct_na_base_pair_step.j_label_seq_id_2 
_ndb_struct_na_base_pair_step.j_symmetry_2 
_ndb_struct_na_base_pair_step.shift 
_ndb_struct_na_base_pair_step.slide 
_ndb_struct_na_base_pair_step.rise 
_ndb_struct_na_base_pair_step.tilt 
_ndb_struct_na_base_pair_step.roll 
_ndb_struct_na_base_pair_step.twist 
_ndb_struct_na_base_pair_step.x_displacement 
_ndb_struct_na_base_pair_step.y_displacement 
_ndb_struct_na_base_pair_step.helical_rise 
_ndb_struct_na_base_pair_step.inclination 
_ndb_struct_na_base_pair_step.tip 
_ndb_struct_na_base_pair_step.helical_twist 
_ndb_struct_na_base_pair_step.step_number 
_ndb_struct_na_base_pair_step.step_name 
_ndb_struct_na_base_pair_step.i_auth_asym_id_1 
_ndb_struct_na_base_pair_step.i_auth_seq_id_1 
_ndb_struct_na_base_pair_step.i_PDB_ins_code_1 
_ndb_struct_na_base_pair_step.j_auth_asym_id_1 
_ndb_struct_na_base_pair_step.j_auth_seq_id_1 
_ndb_struct_na_base_pair_step.j_PDB_ins_code_1 
_ndb_struct_na_base_pair_step.i_auth_asym_id_2 
_ndb_struct_na_base_pair_step.i_auth_seq_id_2 
_ndb_struct_na_base_pair_step.i_PDB_ins_code_2 
_ndb_struct_na_base_pair_step.j_auth_asym_id_2 
_ndb_struct_na_base_pair_step.j_auth_seq_id_2 
_ndb_struct_na_base_pair_step.j_PDB_ins_code_2 
1 A G 1  1_555 B C 9 1_555 A A 2  1_555 B U 8 1_555 -0.832 -0.662 2.568 -8.268  -3.811  33.171 -0.627 0.338  2.747 -6.524  14.153  
34.364 1 AA_G1A2:U24C25_BB   A 1  ? B 25 ? A 2  ? B 24 ? 
1 A A 2  1_555 B U 8 1_555 A G 3  1_555 B C 7 1_555 0.661  -0.047 3.201 -0.933  -25.957 35.126 2.445  -0.984 2.623 -37.366 1.343   
43.441 2 AA_A2G3:C23U24_BB   A 2  ? B 24 ? A 3  ? B 23 ? 
1 A G 3  1_555 B C 7 1_555 A G 4  1_555 B C 6 1_555 1.420  0.047  3.728 8.127   13.315  35.461 -1.888 -0.950 3.736 20.671  -12.616 
38.639 3 AA_G3G4:C22C23_BB   A 3  ? B 23 ? A 4  ? B 22 ? 
1 A G 13 1_555 B U 4 1_555 A C 14 1_555 B G 3 1_555 0.565  -1.589 3.504 3.352   -10.493 30.733 -0.710 -0.329 3.864 -19.046 -6.084  
32.602 4 AA_G13C14:G19U20_BB A 13 ? B 20 ? A 14 ? B 19 ? 
1 A C 14 1_555 B G 3 1_555 A G 15 1_555 B C 2 1_555 0.961  -0.367 4.815 8.025   22.212  39.693 -3.328 -0.198 4.179 29.744  -10.746 
45.943 5 AA_C14G15:C18G19_BB A 14 ? B 19 ? A 15 ? B 18 ? 
1 A G 15 1_555 B C 2 1_555 A C 16 1_555 B G 1 1_555 -0.692 -0.415 3.909 -14.514 24.573  29.664 -3.870 -0.945 2.858 38.587  22.790  
40.940 6 AA_G15C16:G17C18_BB A 15 ? B 18 ? A 16 ? B 17 ? 
# 
loop_
_pdbx_nmr_spectrometer.spectrometer_id 
_pdbx_nmr_spectrometer.type 
_pdbx_nmr_spectrometer.manufacturer 
_pdbx_nmr_spectrometer.model 
_pdbx_nmr_spectrometer.field_strength 
1 ? Bruker DRX 800 
2 ? Bruker DMX 400 
3 ? Bruker DMX 600 
# 
_atom_sites.entry_id                    1N53 
_atom_sites.fract_transf_matrix[1][1]   1.000000 
_atom_sites.fract_transf_matrix[1][2]   0.000000 
_atom_sites.fract_transf_matrix[1][3]   0.000000 
_atom_sites.fract_transf_matrix[2][1]   0.000000 
_atom_sites.fract_transf_matrix[2][2]   1.000000 
_atom_sites.fract_transf_matrix[2][3]   0.000000 
_atom_sites.fract_transf_matrix[3][1]   0.000000 
_atom_sites.fract_transf_matrix[3][2]   0.000000 
_atom_sites.fract_transf_matrix[3][3]   1.000000 
_atom_sites.fract_transf_vector[1]      0.00000 
_atom_sites.fract_transf_vector[2]      0.00000 
_atom_sites.fract_transf_vector[3]      0.00000 
# 
loop_
_atom_type.symbol 
C 
H 
N 
O 
P 
# 
loop_
_atom_site.group_PDB 
_atom_site.id 
_atom_site.type_symbol 
_atom_site.label_atom_id 
_atom_site.label_alt_id 
_atom_site.label_comp_id 
_atom_site.label_asym_id 
_atom_site.label_entity_id 
_atom_site.label_seq_id 
_atom_site.pdbx_PDB_ins_code 
_atom_site.Cartn_x 
_atom_site.Cartn_y 
_atom_site.Cartn_z 
_atom_site.occupancy 
_atom_site.B_iso_or_equiv 
_atom_site.pdbx_formal_charge 
_atom_site.auth_seq_id 
_atom_site.auth_comp_id 
_atom_site.auth_asym_id 
_atom_site.auth_atom_id 
_atom_site.pdbx_PDB_model_num 
ATOM 1   O "O5'"  . G A 1 1  ? -5.726  4.057   16.642  1.00 6.12  ? 1  G A "O5'"  1 
ATOM 2   C "C5'"  . G A 1 1  ? -5.759  3.428   17.933  1.00 5.34  ? 1  G A "C5'"  1 
ATOM 3   C "C4'"  . G A 1 1  ? -5.662  1.911   17.843  1.00 4.83  ? 1  G A "C4'"  1 
ATOM 4   O "O4'"  . G A 1 1  ? -6.798  1.406   17.130  1.00 4.44  ? 1  G A "O4'"  1 
ATOM 5   C "C3'"  . G A 1 1  ? -4.433  1.399   17.083  1.00 4.59  ? 1  G A "C3'"  1 
ATOM 6   O "O3'"  . G A 1 1  ? -3.953  0.255   17.800  1.00 4.50  ? 1  G A "O3'"  1 
ATOM 7   C "C2'"  . G A 1 1  ? -4.985  0.899   15.751  1.00 4.22  ? 1  G A "C2'"  1 
ATOM 8   O "O2'"  . G A 1 1  ? -4.222  -0.220  15.277  1.00 4.17  ? 1  G A "O2'"  1 
ATOM 9   C "C1'"  . G A 1 1  ? -6.389  0.464   16.138  1.00 4.06  ? 1  G A "C1'"  1 
ATOM 10  N N9     . G A 1 1  ? -7.339  0.527   15.011  1.00 3.79  ? 1  G A N9     1 
ATOM 11  C C8     . G A 1 1  ? -7.715  1.617   14.269  1.00 4.00  ? 1  G A C8     1 
ATOM 12  N N7     . G A 1 1  ? -8.595  1.346   13.347  1.00 3.75  ? 1  G A N7     1 
ATOM 13  C C5     . G A 1 1  ? -8.817  -0.021  13.487  1.00 3.33  ? 1  G A C5     1 
ATOM 14  C C6     . G A 1 1  ? -9.677  -0.887  12.760  1.00 3.02  ? 1  G A C6     1 
ATOM 15  O O6     . G A 1 1  ? -10.431 -0.614  11.832  1.00 3.04  ? 1  G A O6     1 
ATOM 16  N N1     . G A 1 1  ? -9.600  -2.186  13.221  1.00 2.80  ? 1  G A N1     1 
ATOM 17  C C2     . G A 1 1  ? -8.798  -2.610  14.250  1.00 2.87  ? 1  G A C2     1 
ATOM 18  N N2     . G A 1 1  ? -8.842  -3.898  14.556  1.00 2.80  ? 1  G A N2     1 
ATOM 19  N N3     . G A 1 1  ? -7.988  -1.813  14.943  1.00 3.15  ? 1  G A N3     1 
ATOM 20  C C4     . G A 1 1  ? -8.049  -0.533  14.506  1.00 3.37  ? 1  G A C4     1 
ATOM 21  H "H5'"  . G A 1 1  ? -6.700  3.653   18.418  1.00 5.27  ? 1  G A "H5'"  1 
ATOM 22  H "H5''" . G A 1 1  ? -4.928  3.823   18.535  1.00 5.48  ? 1  G A "H5''" 1 
ATOM 23  H "H4'"  . G A 1 1  ? -5.683  1.498   18.850  1.00 5.00  ? 1  G A "H4'"  1 
ATOM 24  H "H3'"  . G A 1 1  ? -3.657  2.155   16.966  1.00 4.88  ? 1  G A "H3'"  1 
ATOM 25  H "H2'"  . G A 1 1  ? -5.016  1.706   15.015  1.00 4.32  ? 1  G A "H2'"  1 
ATOM 26  H "HO2'" . G A 1 1  ? -4.432  -0.971  15.842  1.00 4.17  ? 1  G A "HO2'" 1 
ATOM 27  H "H1'"  . G A 1 1  ? -6.388  -0.540  16.564  1.00 3.98  ? 1  G A "H1'"  1 
ATOM 28  H H8     . G A 1 1  ? -7.317  2.618   14.436  1.00 4.40  ? 1  G A H8     1 
ATOM 29  H H1     . G A 1 1  ? -10.183 -2.867  12.764  1.00 2.68  ? 1  G A H1     1 
ATOM 30  H H21    . G A 1 1  ? -9.450  -4.520  14.045  1.00 2.62  ? 1  G A H21    1 
ATOM 31  H H22    . G A 1 1  ? -8.263  -4.256  15.300  1.00 3.15  ? 1  G A H22    1 
ATOM 32  H "HO5'" . G A 1 1  ? -6.158  3.460   16.026  1.00 6.26  ? 1  G A "HO5'" 1 
ATOM 33  P P      . A A 1 2  ? -2.382  -0.107  17.826  1.00 4.67  ? 2  A A P      1 
ATOM 34  O OP1    . A A 1 2  ? -1.964  -0.243  19.240  1.00 5.21  ? 2  A A OP1    1 
ATOM 35  O OP2    . A A 1 2  ? -1.669  0.835   16.935  1.00 5.25  ? 2  A A OP2    1 
ATOM 36  O "O5'"  . A A 1 2  ? -2.347  -1.569  17.148  1.00 3.97  ? 2  A A "O5'"  1 
ATOM 37  C "C5'"  . A A 1 2  ? -3.309  -2.569  17.513  1.00 3.77  ? 2  A A "C5'"  1 
ATOM 38  C "C4'"  . A A 1 2  ? -3.515  -3.593  16.397  1.00 3.11  ? 2  A A "C4'"  1 
ATOM 39  O "O4'"  . A A 1 2  ? -4.563  -3.161  15.543  1.00 2.84  ? 2  A A "O4'"  1 
ATOM 40  C "C3'"  . A A 1 2  ? -2.311  -3.794  15.473  1.00 2.73  ? 2  A A "C3'"  1 
ATOM 41  O "O3'"  . A A 1 2  ? -1.803  -5.107  15.755  1.00 2.77  ? 2  A A "O3'"  1 
ATOM 42  C "C2'"  . A A 1 2  ? -2.887  -3.807  14.045  1.00 2.29  ? 2  A A "C2'"  1 
ATOM 43  O "O2'"  . A A 1 2  ? -2.518  -5.013  13.367  1.00 2.27  ? 2  A A "O2'"  1 
ATOM 44  C "C1'"  . A A 1 2  ? -4.394  -3.769  14.268  1.00 2.34  ? 2  A A "C1'"  1 
ATOM 45  N N9     . A A 1 2  ? -5.106  -2.961  13.264  1.00 2.15  ? 2  A A N9     1 
ATOM 46  C C8     . A A 1 2  ? -4.935  -1.641  12.933  1.00 2.34  ? 2  A A C8     1 
ATOM 47  N N7     . A A 1 2  ? -5.755  -1.227  12.005  1.00 2.27  ? 2  A A N7     1 
ATOM 48  C C5     . A A 1 2  ? -6.514  -2.355  11.709  1.00 2.00  ? 2  A A C5     1 
ATOM 49  C C6     . A A 1 2  ? -7.564  -2.590  10.808  1.00 1.99  ? 2  A A C6     1 
ATOM 50  N N6     . A A 1 2  ? -8.061  -1.656  10.003  1.00 2.20  ? 2  A A N6     1 
ATOM 51  N N1     . A A 1 2  ? -8.091  -3.825  10.768  1.00 1.96  ? 2  A A N1     1 
ATOM 52  C C2     . A A 1 2  ? -7.601  -4.760  11.576  1.00 1.93  ? 2  A A C2     1 
ATOM 53  N N3     . A A 1 2  ? -6.627  -4.666  12.461  1.00 1.92  ? 2  A A N3     1 
ATOM 54  C C4     . A A 1 2  ? -6.123  -3.415  12.472  1.00 1.94  ? 2  A A C4     1 
ATOM 55  H "H5'"  . A A 1 2  ? -4.262  -2.084  17.728  1.00 4.09  ? 2  A A "H5'"  1 
ATOM 56  H "H5''" . A A 1 2  ? -2.962  -3.083  18.409  1.00 4.04  ? 2  A A "H5''" 1 
ATOM 57  H "H4'"  . A A 1 2  ? -3.811  -4.539  16.845  1.00 3.23  ? 2  A A "H4'"  1 
ATOM 58  H "H3'"  . A A 1 2  ? -1.540  -3.034  15.608  1.00 2.96  ? 2  A A "H3'"  1 
ATOM 59  H "H2'"  . A A 1 2  ? -2.560  -2.926  13.492  1.00 2.34  ? 2  A A "H2'"  1 
ATOM 60  H "HO2'" . A A 1 2  ? -2.927  -5.747  13.836  1.00 2.15  ? 2  A A "HO2'" 1 
ATOM 61  H "H1'"  . A A 1 2  ? -4.815  -4.775  14.279  1.00 2.39  ? 2  A A "H1'"  1 
ATOM 62  H H8     . A A 1 2  ? -4.187  -0.999  13.399  1.00 2.65  ? 2  A A H8     1 
ATOM 63  H H61    . A A 1 2  ? -8.819  -1.882  9.373   1.00 2.20  ? 2  A A H61    1 
ATOM 64  H H62    . A A 1 2  ? -7.685  -0.719  10.024  1.00 2.56  ? 2  A A H62    1 
ATOM 65  H H2     . A A 1 2  ? -8.061  -5.747  11.491  1.00 2.09  ? 2  A A H2     1 
ATOM 66  P P      . G A 1 3  ? -0.393  -5.615  15.155  1.00 2.90  ? 3  G A P      1 
ATOM 67  O OP1    . G A 1 3  ? 0.434   -6.115  16.277  1.00 3.19  ? 3  G A OP1    1 
ATOM 68  O OP2    . G A 1 3  ? 0.143   -4.569  14.255  1.00 3.33  ? 3  G A OP2    1 
ATOM 69  O "O5'"  . G A 1 3  ? -0.846  -6.878  14.259  1.00 2.62  ? 3  G A "O5'"  1 
ATOM 70  C "C5'"  . G A 1 3  ? -1.620  -7.944  14.837  1.00 2.72  ? 3  G A "C5'"  1 
ATOM 71  C "C4'"  . G A 1 3  ? -2.551  -8.608  13.830  1.00 2.54  ? 3  G A "C4'"  1 
ATOM 72  O "O4'"  . G A 1 3  ? -3.482  -7.649  13.333  1.00 2.31  ? 3  G A "O4'"  1 
ATOM 73  C "C3'"  . G A 1 3  ? -1.873  -9.137  12.580  1.00 2.41  ? 3  G A "C3'"  1 
ATOM 74  O "O3'"  . G A 1 3  ? -1.503  -10.497 12.844  1.00 2.80  ? 3  G A "O3'"  1 
ATOM 75  C "C2'"  . G A 1 3  ? -3.004  -9.161  11.557  1.00 2.20  ? 3  G A "C2'"  1 
ATOM 76  O "O2'"  . G A 1 3  ? -3.729  -10.395 11.640  1.00 2.59  ? 3  G A "O2'"  1 
ATOM 77  C "C1'"  . G A 1 3  ? -3.894  -7.994  11.999  1.00 2.02  ? 3  G A "C1'"  1 
ATOM 78  N N9     . G A 1 3  ? -3.739  -6.806  11.136  1.00 1.67  ? 3  G A N9     1 
ATOM 79  C C8     . G A 1 3  ? -2.676  -5.944  11.046  1.00 1.70  ? 3  G A C8     1 
ATOM 80  N N7     . G A 1 3  ? -2.871  -4.956  10.217  1.00 1.58  ? 3  G A N7     1 
ATOM 81  C C5     . G A 1 3  ? -4.150  -5.181  9.726   1.00 1.36  ? 3  G A C5     1 
ATOM 82  C C6     . G A 1 3  ? -4.913  -4.434  8.787   1.00 1.36  ? 3  G A C6     1 
ATOM 83  O O6     . G A 1 3  ? -4.606  -3.401  8.197   1.00 1.53  ? 3  G A O6     1 
ATOM 84  N N1     . G A 1 3  ? -6.148  -5.006  8.569   1.00 1.45  ? 3  G A N1     1 
ATOM 85  C C2     . G A 1 3  ? -6.604  -6.151  9.166   1.00 1.62  ? 3  G A C2     1 
ATOM 86  N N2     . G A 1 3  ? -7.813  -6.567  8.819   1.00 1.99  ? 3  G A N2     1 
ATOM 87  N N3     . G A 1 3  ? -5.910  -6.861  10.048  1.00 1.65  ? 3  G A N3     1 
ATOM 88  C C4     . G A 1 3  ? -4.690  -6.315  10.280  1.00 1.47  ? 3  G A C4     1 
ATOM 89  H "H5'"  . G A 1 3  ? -2.245  -7.548  15.626  1.00 2.76  ? 3  G A "H5'"  1 
ATOM 90  H "H5''" . G A 1 3  ? -0.927  -8.689  15.255  1.00 3.02  ? 3  G A "H5''" 1 
ATOM 91  H "H4'"  . G A 1 3  ? -3.109  -9.398  14.329  1.00 2.81  ? 3  G A "H4'"  1 
ATOM 92  H "H3'"  . G A 1 3  ? -1.019  -8.535  12.265  1.00 2.31  ? 3  G A "H3'"  1 
ATOM 93  H "H2'"  . G A 1 3  ? -2.619  -8.992  10.553  1.00 2.03  ? 3  G A "H2'"  1 
ATOM 94  H "HO2'" . G A 1 3  ? -3.648  -10.828 10.783  1.00 2.81  ? 3  G A "HO2'" 1 
ATOM 95  H "H1'"  . G A 1 3  ? -4.944  -8.291  12.013  1.00 2.11  ? 3  G A "H1'"  1 
ATOM 96  H H8     . G A 1 3  ? -1.758  -6.069  11.619  1.00 1.98  ? 3  G A H8     1 
ATOM 97  H H1     . G A 1 3  ? -6.761  -4.531  7.937   1.00 1.61  ? 3  G A H1     1 
ATOM 98  H H21    . G A 1 3  ? -8.356  -6.044  8.149   1.00 1.95  ? 3  G A H21    1 
ATOM 99  H H22    . G A 1 3  ? -8.190  -7.410  9.228   1.00 2.59  ? 3  G A H22    1 
ATOM 100 P P      . G A 1 4  ? -0.299  -11.196 12.033  1.00 2.94  ? 4  G A P      1 
ATOM 101 O OP1    . G A 1 4  ? -0.086  -12.548 12.596  1.00 3.49  ? 4  G A OP1    1 
ATOM 102 O OP2    . G A 1 4  ? 0.829   -10.239 11.966  1.00 2.92  ? 4  G A OP2    1 
ATOM 103 O "O5'"  . G A 1 4  ? -0.912  -11.356 10.548  1.00 2.75  ? 4  G A "O5'"  1 
ATOM 104 C "C5'"  . G A 1 4  ? -1.772  -12.462 10.221  1.00 2.93  ? 4  G A "C5'"  1 
ATOM 105 C "C4'"  . G A 1 4  ? -2.669  -12.173 9.023   1.00 2.75  ? 4  G A "C4'"  1 
ATOM 106 O "O4'"  . G A 1 4  ? -3.264  -10.882 9.170   1.00 2.50  ? 4  G A "O4'"  1 
ATOM 107 C "C3'"  . G A 1 4  ? -1.945  -12.097 7.689   1.00 2.62  ? 4  G A "C3'"  1 
ATOM 108 O "O3'"  . G A 1 4  ? -1.968  -13.413 7.115   1.00 2.96  ? 4  G A "O3'"  1 
ATOM 109 C "C2'"  . G A 1 4  ? -2.864  -11.218 6.852   1.00 2.40  ? 4  G A "C2'"  1 
ATOM 110 O "O2'"  . G A 1 4  ? -3.922  -11.995 6.275   1.00 2.74  ? 4  G A "O2'"  1 
ATOM 111 C "C1'"  . G A 1 4  ? -3.428  -10.247 7.890   1.00 2.21  ? 4  G A "C1'"  1 
ATOM 112 N N9     . G A 1 4  ? -2.707  -8.960  7.897   1.00 1.85  ? 4  G A N9     1 
ATOM 113 C C8     . G A 1 4  ? -1.527  -8.638  8.517   1.00 1.93  ? 4  G A C8     1 
ATOM 114 N N7     . G A 1 4  ? -1.148  -7.407  8.317   1.00 1.78  ? 4  G A N7     1 
ATOM 115 C C5     . G A 1 4  ? -2.149  -6.876  7.509   1.00 1.47  ? 4  G A C5     1 
ATOM 116 C C6     . G A 1 4  ? -2.291  -5.570  6.962   1.00 1.34  ? 4  G A C6     1 
ATOM 117 O O6     . G A 1 4  ? -1.549  -4.600  7.085   1.00 1.53  ? 4  G A O6     1 
ATOM 118 N N1     . G A 1 4  ? -3.441  -5.460  6.209   1.00 1.26  ? 4  G A N1     1 
ATOM 119 C C2     . G A 1 4  ? -4.349  -6.465  5.999   1.00 1.42  ? 4  G A C2     1 
ATOM 120 N N2     . G A 1 4  ? -5.401  -6.178  5.245   1.00 1.66  ? 4  G A N2     1 
ATOM 121 N N3     . G A 1 4  ? -4.234  -7.689  6.503   1.00 1.59  ? 4  G A N3     1 
ATOM 122 C C4     . G A 1 4  ? -3.110  -7.822  7.247   1.00 1.55  ? 4  G A C4     1 
ATOM 123 H "H5'"  . G A 1 4  ? -2.426  -12.668 11.058  1.00 3.02  ? 4  G A "H5'"  1 
ATOM 124 H "H5''" . G A 1 4  ? -1.145  -13.342 10.017  1.00 3.22  ? 4  G A "H5''" 1 
ATOM 125 H "H4'"  . G A 1 4  ? -3.464  -12.915 8.988   1.00 3.00  ? 4  G A "H4'"  1 
ATOM 126 H "H3'"  . G A 1 4  ? -0.931  -11.706 7.771   1.00 2.57  ? 4  G A "H3'"  1 
ATOM 127 H "H2'"  . G A 1 4  ? -2.297  -10.682 6.087   1.00 2.33  ? 4  G A "H2'"  1 
ATOM 128 H "HO2'" . G A 1 4  ? -4.150  -11.584 5.436   1.00 2.64  ? 4  G A "HO2'" 1 
ATOM 129 H "H1'"  . G A 1 4  ? -4.488  -10.065 7.712   1.00 2.27  ? 4  G A "H1'"  1 
ATOM 130 H H8     . G A 1 4  ? -0.962  -9.345  9.126   1.00 2.23  ? 4  G A H8     1 
ATOM 131 H H1     . G A 1 4  ? -3.623  -4.567  5.788   1.00 1.31  ? 4  G A H1     1 
ATOM 132 H H21    . G A 1 4  ? -5.504  -5.254  4.853   1.00 1.77  ? 4  G A H21    1 
ATOM 133 H H22    . G A 1 4  ? -6.095  -6.887  5.063   1.00 2.08  ? 4  G A H22    1 
ATOM 134 P P      . G A 1 5  ? -1.001  -13.795 5.882   1.00 2.89  ? 5  G A P      1 
ATOM 135 O OP1    . G A 1 5  ? -1.391  -15.135 5.385   1.00 2.98  ? 5  G A OP1    1 
ATOM 136 O OP2    . G A 1 5  ? 0.398   -13.543 6.297   1.00 3.56  ? 5  G A OP2    1 
ATOM 137 O "O5'"  . G A 1 5  ? -1.396  -12.705 4.762   1.00 2.33  ? 5  G A "O5'"  1 
ATOM 138 C "C5'"  . G A 1 5  ? -2.543  -12.898 3.916   1.00 2.31  ? 5  G A "C5'"  1 
ATOM 139 C "C4'"  . G A 1 5  ? -2.575  -11.926 2.744   1.00 2.12  ? 5  G A "C4'"  1 
ATOM 140 O "O4'"  . G A 1 5  ? -2.926  -10.617 3.207   1.00 2.06  ? 5  G A "O4'"  1 
ATOM 141 C "C3'"  . G A 1 5  ? -1.239  -11.721 2.057   1.00 2.09  ? 5  G A "C3'"  1 
ATOM 142 O "O3'"  . G A 1 5  ? -1.131  -12.701 1.014   1.00 2.45  ? 5  G A "O3'"  1 
ATOM 143 C "C2'"  . G A 1 5  ? -1.412  -10.365 1.398   1.00 1.99  ? 5  G A "C2'"  1 
ATOM 144 O "O2'"  . G A 1 5  ? -2.161  -10.487 0.181   1.00 2.35  ? 5  G A "O2'"  1 
ATOM 145 C "C1'"  . G A 1 5  ? -2.222  -9.608  2.452   1.00 1.90  ? 5  G A "C1'"  1 
ATOM 146 N N9     . G A 1 5  ? -1.353  -8.844  3.370   1.00 1.90  ? 5  G A N9     1 
ATOM 147 C C8     . G A 1 5  ? -0.559  -9.319  4.382   1.00 2.32  ? 5  G A C8     1 
ATOM 148 N N7     . G A 1 5  ? 0.135   -8.394  4.983   1.00 2.62  ? 5  G A N7     1 
ATOM 149 C C5     . G A 1 5  ? -0.224  -7.222  4.325   1.00 2.24  ? 5  G A C5     1 
ATOM 150 C C6     . G A 1 5  ? 0.209   -5.884  4.538   1.00 2.41  ? 5  G A C6     1 
ATOM 151 O O6     . G A 1 5  ? 1.042   -5.465  5.338   1.00 2.93  ? 5  G A O6     1 
ATOM 152 N N1     . G A 1 5  ? -0.401  -5.007  3.668   1.00 2.16  ? 5  G A N1     1 
ATOM 153 C C2     . G A 1 5  ? -1.308  -5.354  2.704   1.00 2.01  ? 5  G A C2     1 
ATOM 154 N N2     . G A 1 5  ? -1.789  -4.372  1.954   1.00 2.32  ? 5  G A N2     1 
ATOM 155 N N3     . G A 1 5  ? -1.725  -6.603  2.484   1.00 1.89  ? 5  G A N3     1 
ATOM 156 C C4     . G A 1 5  ? -1.140  -7.485  3.334   1.00 1.87  ? 5  G A C4     1 
ATOM 157 H "H5'"  . G A 1 5  ? -3.444  -12.729 4.488   1.00 2.49  ? 5  G A "H5'"  1 
ATOM 158 H "H5''" . G A 1 5  ? -2.532  -13.934 3.544   1.00 2.56  ? 5  G A "H5''" 1 
ATOM 159 H "H4'"  . G A 1 5  ? -3.330  -12.252 2.033   1.00 2.40  ? 5  G A "H4'"  1 
ATOM 160 H "H3'"  . G A 1 5  ? -0.391  -11.762 2.743   1.00 2.26  ? 5  G A "H3'"  1 
ATOM 161 H "H2'"  . G A 1 5  ? -0.445  -9.886  1.232   1.00 2.15  ? 5  G A "H2'"  1 
ATOM 162 H "HO2'" . G A 1 5  ? -1.968  -11.355 -0.185  1.00 2.48  ? 5  G A "HO2'" 1 
ATOM 163 H "H1'"  . G A 1 5  ? -2.939  -8.935  1.984   1.00 2.13  ? 5  G A "H1'"  1 
ATOM 164 H H8     . G A 1 5  ? -0.517  -10.372 4.664   1.00 2.55  ? 5  G A H8     1 
ATOM 165 H H1     . G A 1 5  ? -0.156  -4.034  3.757   1.00 2.32  ? 5  G A H1     1 
ATOM 166 H H21    . G A 1 5  ? -1.483  -3.418  2.110   1.00 2.45  ? 5  G A H21    1 
ATOM 167 H H22    . G A 1 5  ? -2.460  -4.577  1.228   1.00 2.58  ? 5  G A H22    1 
ATOM 168 P P      . U A 1 6  ? 0.318   -13.129 0.452   1.00 2.93  ? 6  U A P      1 
ATOM 169 O OP1    . U A 1 6  ? 0.151   -13.631 -0.930  1.00 3.39  ? 6  U A OP1    1 
ATOM 170 O OP2    . U A 1 6  ? 0.977   -13.977 1.470   1.00 3.25  ? 6  U A OP2    1 
ATOM 171 O "O5'"  . U A 1 6  ? 1.093   -11.713 0.398   1.00 3.19  ? 6  U A "O5'"  1 
ATOM 172 C "C5'"  . U A 1 6  ? 2.159   -11.485 -0.532  1.00 3.43  ? 6  U A "C5'"  1 
ATOM 173 C "C4'"  . U A 1 6  ? 1.641   -11.265 -1.956  1.00 3.15  ? 6  U A "C4'"  1 
ATOM 174 O "O4'"  . U A 1 6  ? 0.233   -11.017 -1.934  1.00 2.68  ? 6  U A "O4'"  1 
ATOM 175 C "C3'"  . U A 1 6  ? 2.208   -10.042 -2.658  1.00 3.21  ? 6  U A "C3'"  1 
ATOM 176 O "O3'"  . U A 1 6  ? 3.415   -10.445 -3.326  1.00 3.78  ? 6  U A "O3'"  1 
ATOM 177 C "C2'"  . U A 1 6  ? 1.162   -9.771  -3.728  1.00 2.90  ? 6  U A "C2'"  1 
ATOM 178 O "O2'"  . U A 1 6  ? 1.357   -10.641 -4.850  1.00 3.37  ? 6  U A "O2'"  1 
ATOM 179 C "C1'"  . U A 1 6  ? -0.139  -10.120 -2.998  1.00 2.62  ? 6  U A "C1'"  1 
ATOM 180 N N1     . U A 1 6  ? -0.794  -8.929  -2.412  1.00 2.34  ? 6  U A N1     1 
ATOM 181 C C2     . U A 1 6  ? -1.695  -8.238  -3.202  1.00 2.89  ? 6  U A C2     1 
ATOM 182 O O2     . U A 1 6  ? -1.970  -8.578  -4.347  1.00 3.39  ? 6  U A O2     1 
ATOM 183 N N3     . U A 1 6  ? -2.283  -7.133  -2.625  1.00 3.24  ? 6  U A N3     1 
ATOM 184 C C4     . U A 1 6  ? -2.056  -6.664  -1.349  1.00 3.04  ? 6  U A C4     1 
ATOM 185 O O4     . U A 1 6  ? -2.646  -5.663  -0.951  1.00 3.71  ? 6  U A O4     1 
ATOM 186 C C5     . U A 1 6  ? -1.105  -7.434  -0.583  1.00 2.37  ? 6  U A C5     1 
ATOM 187 C C6     . U A 1 6  ? -0.514  -8.524  -1.131  1.00 2.11  ? 6  U A C6     1 
ATOM 188 H "H5'"  . U A 1 6  ? 2.825   -12.348 -0.528  1.00 3.84  ? 6  U A "H5'"  1 
ATOM 189 H "H5''" . U A 1 6  ? 2.719   -10.604 -0.219  1.00 3.89  ? 6  U A "H5''" 1 
ATOM 190 H "H4'"  . U A 1 6  ? 1.820   -12.164 -2.543  1.00 3.56  ? 6  U A "H4'"  1 
ATOM 191 H "H3'"  . U A 1 6  ? 2.371   -9.196  -1.990  1.00 3.43  ? 6  U A "H3'"  1 
ATOM 192 H "H2'"  . U A 1 6  ? 1.171   -8.720  -4.025  1.00 3.01  ? 6  U A "H2'"  1 
ATOM 193 H "HO2'" . U A 1 6  ? 2.273   -10.928 -4.827  1.00 3.62  ? 6  U A "HO2'" 1 
ATOM 194 H "H1'"  . U A 1 6  ? -0.836  -10.625 -3.668  1.00 3.07  ? 6  U A "H1'"  1 
ATOM 195 H H3     . U A 1 6  ? -2.940  -6.621  -3.191  1.00 3.92  ? 6  U A H3     1 
ATOM 196 H H5     . U A 1 6  ? -0.862  -7.139  0.437   1.00 2.47  ? 6  U A H5     1 
ATOM 197 H H6     . U A 1 6  ? 0.198   -9.096  -0.538  1.00 2.19  ? 6  U A H6     1 
ATOM 198 P P      . G A 1 7  ? 4.863   -10.178 -2.661  1.00 4.24  ? 7  G A P      1 
ATOM 199 O OP1    . G A 1 7  ? 5.887   -10.322 -3.720  1.00 4.70  ? 7  G A OP1    1 
ATOM 200 O OP2    . G A 1 7  ? 4.963   -10.990 -1.427  1.00 4.91  ? 7  G A OP2    1 
ATOM 201 O "O5'"  . G A 1 7  ? 4.791   -8.623  -2.236  1.00 3.91  ? 7  G A "O5'"  1 
ATOM 202 C "C5'"  . G A 1 7  ? 5.970   -7.793  -2.276  1.00 4.28  ? 7  G A "C5'"  1 
ATOM 203 C "C4'"  . G A 1 7  ? 5.905   -6.617  -1.306  1.00 4.01  ? 7  G A "C4'"  1 
ATOM 204 O "O4'"  . G A 1 7  ? 5.492   -5.449  -2.010  1.00 3.72  ? 7  G A "O4'"  1 
ATOM 205 C "C3'"  . G A 1 7  ? 4.890   -6.782  -0.165  1.00 3.82  ? 7  G A "C3'"  1 
ATOM 206 O "O3'"  . G A 1 7  ? 5.512   -6.385  1.089   1.00 4.40  ? 7  G A "O3'"  1 
ATOM 207 C "C2'"  . G A 1 7  ? 3.760   -5.783  -0.463  1.00 3.21  ? 7  G A "C2'"  1 
ATOM 208 O "O2'"  . G A 1 7  ? 3.767   -4.705  0.477   1.00 3.42  ? 7  G A "O2'"  1 
ATOM 209 C "C1'"  . G A 1 7  ? 4.089   -5.268  -1.864  1.00 3.08  ? 7  G A "C1'"  1 
ATOM 210 N N9     . G A 1 7  ? 3.381   -6.021  -2.912  1.00 3.25  ? 7  G A N9     1 
ATOM 211 C C8     . G A 1 7  ? 2.102   -6.483  -2.878  1.00 3.24  ? 7  G A C8     1 
ATOM 212 N N7     . G A 1 7  ? 1.737   -7.117  -3.954  1.00 3.98  ? 7  G A N7     1 
ATOM 213 C C5     . G A 1 7  ? 2.864   -7.069  -4.766  1.00 4.48  ? 7  G A C5     1 
ATOM 214 C C6     . G A 1 7  ? 3.072   -7.593  -6.069  1.00 5.58  ? 7  G A C6     1 
ATOM 215 O O6     . G A 1 7  ? 2.291   -8.227  -6.771  1.00 6.30  ? 7  G A O6     1 
ATOM 216 N N1     . G A 1 7  ? 4.344   -7.324  -6.528  1.00 6.00  ? 7  G A N1     1 
ATOM 217 C C2     . G A 1 7  ? 5.305   -6.639  -5.828  1.00 5.54  ? 7  G A C2     1 
ATOM 218 N N2     . G A 1 7  ? 6.477   -6.472  -6.423  1.00 6.27  ? 7  G A N2     1 
ATOM 219 N N3     . G A 1 7  ? 5.129   -6.143  -4.608  1.00 4.59  ? 7  G A N3     1 
ATOM 220 C C4     . G A 1 7  ? 3.883   -6.396  -4.137  1.00 4.04  ? 7  G A C4     1 
ATOM 221 H "H5'"  . G A 1 7  ? 6.078   -7.373  -3.268  1.00 4.59  ? 7  G A "H5'"  1 
ATOM 222 H "H5''" . G A 1 7  ? 6.845   -8.418  -2.046  1.00 4.79  ? 7  G A "H5''" 1 
ATOM 223 H "H4'"  . G A 1 7  ? 6.902   -6.441  -0.912  1.00 4.55  ? 7  G A "H4'"  1 
ATOM 224 H "H3'"  . G A 1 7  ? 4.518   -7.806  -0.099  1.00 4.04  ? 7  G A "H3'"  1 
ATOM 225 H "H2'"  . G A 1 7  ? 2.794   -6.295  -0.464  1.00 3.25  ? 7  G A "H2'"  1 
ATOM 226 H "HO2'" . G A 1 7  ? 4.620   -4.262  0.399   1.00 3.63  ? 7  G A "HO2'" 1 
ATOM 227 H "H1'"  . G A 1 7  ? 3.840   -4.209  -1.959  1.00 2.95  ? 7  G A "H1'"  1 
ATOM 228 H H8     . G A 1 7  ? 1.432   -6.296  -2.039  1.00 2.99  ? 7  G A H8     1 
ATOM 229 H H1     . G A 1 7  ? 4.577   -7.657  -7.448  1.00 6.83  ? 7  G A H1     1 
ATOM 230 H H21    . G A 1 7  ? 6.632   -6.839  -7.347  1.00 6.87  ? 7  G A H21    1 
ATOM 231 H H22    . G A 1 7  ? 7.213   -5.974  -5.944  1.00 6.33  ? 7  G A H22    1 
ATOM 232 P P      . G A 1 8  ? 6.686   -5.268  1.215   1.00 5.23  ? 8  G A P      1 
ATOM 233 O OP1    . G A 1 8  ? 7.765   -5.608  0.259   1.00 5.57  ? 8  G A OP1    1 
ATOM 234 O OP2    . G A 1 8  ? 7.004   -5.111  2.651   1.00 5.42  ? 8  G A OP2    1 
ATOM 235 O "O5'"  . G A 1 8  ? 5.956   -3.916  0.719   1.00 5.91  ? 8  G A "O5'"  1 
ATOM 236 C "C5'"  . G A 1 8  ? 6.409   -3.214  -0.449  1.00 6.34  ? 8  G A "C5'"  1 
ATOM 237 C "C4'"  . G A 1 8  ? 7.491   -2.189  -0.134  1.00 6.65  ? 8  G A "C4'"  1 
ATOM 238 O "O4'"  . G A 1 8  ? 8.678   -2.870  0.295   1.00 7.74  ? 8  G A "O4'"  1 
ATOM 239 C "C3'"  . G A 1 8  ? 7.912   -1.348  -1.335  1.00 6.60  ? 8  G A "C3'"  1 
ATOM 240 O "O3'"  . G A 1 8  ? 8.299   -0.055  -0.844  1.00 6.20  ? 8  G A "O3'"  1 
ATOM 241 C "C2'"  . G A 1 8  ? 9.162   -2.039  -1.854  1.00 7.79  ? 8  G A "C2'"  1 
ATOM 242 O "O2'"  . G A 1 8  ? 10.039  -1.092  -2.475  1.00 7.98  ? 8  G A "O2'"  1 
ATOM 243 C "C1'"  . G A 1 8  ? 9.783   -2.582  -0.572  1.00 8.40  ? 8  G A "C1'"  1 
ATOM 244 N N9     . G A 1 8  ? 10.549  -3.828  -0.787  1.00 9.28  ? 8  G A N9     1 
ATOM 245 C C8     . G A 1 8  ? 10.700  -4.562  -1.939  1.00 9.85  ? 8  G A C8     1 
ATOM 246 N N7     . G A 1 8  ? 11.449  -5.619  -1.793  1.00 10.64 ? 8  G A N7     1 
ATOM 247 C C5     . G A 1 8  ? 11.821  -5.585  -0.454  1.00 10.65 ? 8  G A C5     1 
ATOM 248 C C6     . G A 1 8  ? 12.638  -6.479  0.291   1.00 11.46 ? 8  G A C6     1 
ATOM 249 O O6     . G A 1 8  ? 13.209  -7.495  -0.094  1.00 12.23 ? 8  G A O6     1 
ATOM 250 N N1     . G A 1 8  ? 12.760  -6.081  1.608   1.00 11.44 ? 8  G A N1     1 
ATOM 251 C C2     . G A 1 8  ? 12.174  -4.965  2.152   1.00 10.74 ? 8  G A C2     1 
ATOM 252 N N2     . G A 1 8  ? 12.393  -4.737  3.440   1.00 11.08 ? 8  G A N2     1 
ATOM 253 N N3     . G A 1 8  ? 11.408  -4.118  1.471   1.00 9.88  ? 8  G A N3     1 
ATOM 254 C C4     . G A 1 8  ? 11.274  -4.491  0.173   1.00 9.88  ? 8  G A C4     1 
ATOM 255 H "H5'"  . G A 1 8  ? 5.580   -2.673  -0.885  1.00 6.72  ? 8  G A "H5'"  1 
ATOM 256 H "H5''" . G A 1 8  ? 6.789   -3.951  -1.173  1.00 6.38  ? 8  G A "H5''" 1 
ATOM 257 H "H4'"  . G A 1 8  ? 7.148   -1.552  0.678   1.00 6.35  ? 8  G A "H4'"  1 
ATOM 258 H "H3'"  . G A 1 8  ? 7.132   -1.271  -2.084  1.00 6.33  ? 8  G A "H3'"  1 
ATOM 259 H "H2'"  . G A 1 8  ? 8.899   -2.852  -2.535  1.00 8.19  ? 8  G A "H2'"  1 
ATOM 260 H "HO2'" . G A 1 8  ? 9.762   -0.217  -2.188  1.00 7.68  ? 8  G A "HO2'" 1 
ATOM 261 H "H1'"  . G A 1 8  ? 10.426  -1.836  -0.104  1.00 8.76  ? 8  G A "H1'"  1 
ATOM 262 H H8     . G A 1 8  ? 10.240  -4.286  -2.888  1.00 9.77  ? 8  G A H8     1 
ATOM 263 H H1     . G A 1 8  ? 13.321  -6.660  2.210   1.00 12.09 ? 8  G A H1     1 
ATOM 264 H H21    . G A 1 8  ? 12.971  -5.365  3.975   1.00 11.80 ? 8  G A H21    1 
ATOM 265 H H22    . G A 1 8  ? 11.976  -3.932  3.884   1.00 10.70 ? 8  G A H22    1 
ATOM 266 P P      . A A 1 9  ? 7.306   1.209   -0.986  1.00 5.63  ? 9  A A P      1 
ATOM 267 O OP1    . A A 1 9  ? 8.086   2.441   -0.740  1.00 6.01  ? 9  A A OP1    1 
ATOM 268 O OP2    . A A 1 9  ? 6.089   0.932   -0.189  1.00 5.93  ? 9  A A OP2    1 
ATOM 269 O "O5'"  . A A 1 9  ? 6.911   1.179   -2.553  1.00 4.71  ? 9  A A "O5'"  1 
ATOM 270 C "C5'"  . A A 1 9  ? 5.583   0.853   -2.984  1.00 4.33  ? 9  A A "C5'"  1 
ATOM 271 C "C4'"  . A A 1 9  ? 5.551   -0.483  -3.722  1.00 3.43  ? 9  A A "C4'"  1 
ATOM 272 O "O4'"  . A A 1 9  ? 4.695   -1.388  -3.015  1.00 2.91  ? 9  A A "O4'"  1 
ATOM 273 C "C3'"  . A A 1 9  ? 4.993   -0.423  -5.136  1.00 3.07  ? 9  A A "C3'"  1 
ATOM 274 O "O3'"  . A A 1 9  ? 5.561   -1.531  -5.845  1.00 2.96  ? 9  A A "O3'"  1 
ATOM 275 C "C2'"  . A A 1 9  ? 3.518   -0.719  -4.946  1.00 2.51  ? 9  A A "C2'"  1 
ATOM 276 O "O2'"  . A A 1 9  ? 2.964   -1.308  -6.132  1.00 2.26  ? 9  A A "O2'"  1 
ATOM 277 C "C1'"  . A A 1 9  ? 3.543   -1.727  -3.802  1.00 2.23  ? 9  A A "C1'"  1 
ATOM 278 N N9     . A A 1 9  ? 2.343   -1.627  -2.952  1.00 2.23  ? 9  A A N9     1 
ATOM 279 C C8     . A A 1 9  ? 1.937   -0.579  -2.176  1.00 2.77  ? 9  A A C8     1 
ATOM 280 N N7     . A A 1 9  ? 0.797   -0.776  -1.578  1.00 3.10  ? 9  A A N7     1 
ATOM 281 C C5     . A A 1 9  ? 0.428   -2.050  -1.986  1.00 2.57  ? 9  A A C5     1 
ATOM 282 C C6     . A A 1 9  ? -0.684  -2.856  -1.702  1.00 2.64  ? 9  A A C6     1 
ATOM 283 N N6     . A A 1 9  ? -1.696  -2.478  -0.927  1.00 3.38  ? 9  A A N6     1 
ATOM 284 N N1     . A A 1 9  ? -0.732  -4.067  -2.268  1.00 2.08  ? 9  A A N1     1 
ATOM 285 C C2     . A A 1 9  ? 0.261   -4.443  -3.061  1.00 1.69  ? 9  A A C2     1 
ATOM 286 N N3     . A A 1 9  ? 1.350   -3.784  -3.407  1.00 1.76  ? 9  A A N3     1 
ATOM 287 C C4     . A A 1 9  ? 1.368   -2.577  -2.822  1.00 2.05  ? 9  A A C4     1 
ATOM 288 H "H5'"  . A A 1 9  ? 5.219   1.636   -3.648  1.00 4.78  ? 9  A A "H5'"  1 
ATOM 289 H "H5''" . A A 1 9  ? 4.927   0.792   -2.114  1.00 4.59  ? 9  A A "H5''" 1 
ATOM 290 H "H4'"  . A A 1 9  ? 6.553   -0.901  -3.735  1.00 3.63  ? 9  A A "H4'"  1 
ATOM 291 H "H3'"  . A A 1 9  ? 5.184   0.524   -5.640  1.00 3.60  ? 9  A A "H3'"  1 
ATOM 292 H "H2'"  . A A 1 9  ? 2.978   0.182   -4.652  1.00 2.91  ? 9  A A "H2'"  1 
ATOM 293 H "HO2'" . A A 1 9  ? 3.466   -2.110  -6.313  1.00 2.31  ? 9  A A "HO2'" 1 
ATOM 294 H "H1'"  . A A 1 9  ? 3.644   -2.744  -4.176  1.00 2.02  ? 9  A A "H1'"  1 
ATOM 295 H H8     . A A 1 9  ? 2.521   0.322   -2.052  1.00 3.04  ? 9  A A H8     1 
ATOM 296 H H61    . A A 1 9  ? -2.467  -3.108  -0.759  1.00 3.66  ? 9  A A H61    1 
ATOM 297 H H62    . A A 1 9  ? -1.692  -1.558  -0.503  1.00 3.87  ? 9  A A H62    1 
ATOM 298 H H2     . A A 1 9  ? 0.171   -5.439  -3.481  1.00 1.61  ? 9  A A H2     1 
ATOM 299 P P      . A A 1 10 ? 6.169   -1.346  -7.324  1.00 3.08  ? 10 A A P      1 
ATOM 300 O OP1    . A A 1 10 ? 7.584   -1.782  -7.301  1.00 3.33  ? 10 A A OP1    1 
ATOM 301 O OP2    . A A 1 10 ? 5.820   0.009   -7.807  1.00 3.81  ? 10 A A OP2    1 
ATOM 302 O "O5'"  . A A 1 10 ? 5.324   -2.423  -8.175  1.00 2.92  ? 10 A A "O5'"  1 
ATOM 303 C "C5'"  . A A 1 10 ? 5.157   -3.764  -7.697  1.00 2.58  ? 10 A A "C5'"  1 
ATOM 304 C "C4'"  . A A 1 10 ? 3.810   -4.356  -8.112  1.00 2.51  ? 10 A A "C4'"  1 
ATOM 305 O "O4'"  . A A 1 10 ? 2.865   -4.213  -7.056  1.00 2.29  ? 10 A A "O4'"  1 
ATOM 306 C "C3'"  . A A 1 10 ? 3.144   -3.675  -9.319  1.00 2.57  ? 10 A A "C3'"  1 
ATOM 307 O "O3'"  . A A 1 10 ? 3.165   -4.598  -10.439 1.00 3.22  ? 10 A A "O3'"  1 
ATOM 308 C "C2'"  . A A 1 10 ? 1.682   -3.452  -8.899  1.00 2.67  ? 10 A A "C2'"  1 
ATOM 309 O "O2'"  . A A 1 10 ? 0.785   -3.935  -9.903  1.00 3.25  ? 10 A A "O2'"  1 
ATOM 310 C "C1'"  . A A 1 10 ? 1.567   -4.276  -7.629  1.00 2.33  ? 10 A A "C1'"  1 
ATOM 311 N N9     . A A 1 10 ? 0.579   -3.741  -6.682  1.00 2.37  ? 10 A A N9     1 
ATOM 312 C C8     . A A 1 10 ? 0.539   -2.536  -6.030  1.00 2.41  ? 10 A A C8     1 
ATOM 313 N N7     . A A 1 10 ? -0.510  -2.398  -5.260  1.00 3.03  ? 10 A A N7     1 
ATOM 314 C C5     . A A 1 10 ? -1.196  -3.600  -5.427  1.00 3.26  ? 10 A A C5     1 
ATOM 315 C C6     . A A 1 10 ? -2.395  -4.110  -4.895  1.00 3.98  ? 10 A A C6     1 
ATOM 316 N N6     . A A 1 10 ? -3.167  -3.446  -4.038  1.00 4.66  ? 10 A A N6     1 
ATOM 317 N N1     . A A 1 10 ? -2.774  -5.339  -5.282  1.00 4.12  ? 10 A A N1     1 
ATOM 318 C C2     . A A 1 10 ? -2.007  -6.006  -6.141  1.00 3.68  ? 10 A A C2     1 
ATOM 319 N N3     . A A 1 10 ? -0.879  -5.640  -6.699  1.00 3.13  ? 10 A A N3     1 
ATOM 320 C C4     . A A 1 10 ? -0.532  -4.412  -6.291  1.00 2.86  ? 10 A A C4     1 
ATOM 321 H "H5'"  . A A 1 10 ? 5.222   -3.766  -6.608  1.00 2.77  ? 10 A A "H5'"  1 
ATOM 322 H "H5''" . A A 1 10 ? 5.956   -4.386  -8.101  1.00 2.84  ? 10 A A "H5''" 1 
ATOM 323 H "H4'"  . A A 1 10 ? 3.946   -5.418  -8.300  1.00 2.96  ? 10 A A "H4'"  1 
ATOM 324 H "H3'"  . A A 1 10 ? 3.638   -2.737  -9.582  1.00 2.47  ? 10 A A "H3'"  1 
ATOM 325 H "H2'"  . A A 1 10 ? 1.504   -2.401  -8.683  1.00 2.91  ? 10 A A "H2'"  1 
ATOM 326 H "HO2'" . A A 1 10 ? 1.319   -4.230  -10.647 1.00 3.51  ? 10 A A "HO2'" 1 
ATOM 327 H "H1'"  . A A 1 10 ? 1.310   -5.320  -7.854  1.00 2.58  ? 10 A A "H1'"  1 
ATOM 328 H H8     . A A 1 10 ? 1.302   -1.765  -6.148  1.00 2.18  ? 10 A A H8     1 
ATOM 329 H H61    . A A 1 10 ? -4.018  -3.866  -3.697  1.00 5.21  ? 10 A A H61    1 
ATOM 330 H H62    . A A 1 10 ? -2.902  -2.521  -3.732  1.00 4.80  ? 10 A A H62    1 
ATOM 331 H H2     . A A 1 10 ? -2.359  -6.987  -6.436  1.00 3.96  ? 10 A A H2     1 
ATOM 332 P P      . C A 1 11 ? 2.747   -6.166  -10.331 1.00 3.91  ? 11 C A P      1 
ATOM 333 O OP1    . C A 1 11 ? 2.737   -6.564  -8.908  1.00 4.57  ? 11 C A OP1    1 
ATOM 334 O OP2    . C A 1 11 ? 3.579   -6.925  -11.290 1.00 4.28  ? 11 C A OP2    1 
ATOM 335 O "O5'"  . C A 1 11 ? 1.228   -6.174  -10.873 1.00 4.09  ? 11 C A "O5'"  1 
ATOM 336 C "C5'"  . C A 1 11 ? 0.176   -6.806  -10.129 1.00 4.48  ? 11 C A "C5'"  1 
ATOM 337 C "C4'"  . C A 1 11 ? -1.203  -6.298  -10.553 1.00 4.72  ? 11 C A "C4'"  1 
ATOM 338 O "O4'"  . C A 1 11 ? -1.953  -5.915  -9.410  1.00 4.46  ? 11 C A "O4'"  1 
ATOM 339 C "C3'"  . C A 1 11 ? -1.187  -5.035  -11.392 1.00 5.02  ? 11 C A "C3'"  1 
ATOM 340 O "O3'"  . C A 1 11 ? -1.093  -5.435  -12.765 1.00 5.66  ? 11 C A "O3'"  1 
ATOM 341 C "C2'"  . C A 1 11 ? -2.579  -4.447  -11.179 1.00 5.28  ? 11 C A "C2'"  1 
ATOM 342 O "O2'"  . C A 1 11 ? -3.479  -4.927  -12.184 1.00 5.89  ? 11 C A "O2'"  1 
ATOM 343 C "C1'"  . C A 1 11 ? -2.983  -4.992  -9.797  1.00 4.81  ? 11 C A "C1'"  1 
ATOM 344 N N1     . C A 1 11 ? -3.076  -3.922  -8.782  1.00 4.78  ? 11 C A N1     1 
ATOM 345 C C2     . C A 1 11 ? -4.198  -3.900  -7.963  1.00 5.58  ? 11 C A C2     1 
ATOM 346 O O2     . C A 1 11 ? -5.061  -4.767  -8.068  1.00 6.15  ? 11 C A O2     1 
ATOM 347 N N3     . C A 1 11 ? -4.316  -2.903  -7.044  1.00 5.91  ? 11 C A N3     1 
ATOM 348 C C4     . C A 1 11 ? -3.373  -1.964  -6.932  1.00 5.43  ? 11 C A C4     1 
ATOM 349 N N4     . C A 1 11 ? -3.551  -1.015  -6.018  1.00 6.01  ? 11 C A N4     1 
ATOM 350 C C5     . C A 1 11 ? -2.214  -1.981  -7.767  1.00 4.51  ? 11 C A C5     1 
ATOM 351 C C6     . C A 1 11 ? -2.105  -2.969  -8.672  1.00 4.23  ? 11 C A C6     1 
ATOM 352 H "H5'"  . C A 1 11 ? 0.315   -6.601  -9.067  1.00 4.79  ? 11 C A "H5'"  1 
ATOM 353 H "H5''" . C A 1 11 ? 0.223   -7.883  -10.291 1.00 4.72  ? 11 C A "H5''" 1 
ATOM 354 H "H4'"  . C A 1 11 ? -1.737  -7.096  -11.064 1.00 5.14  ? 11 C A "H4'"  1 
ATOM 355 H "H3'"  . C A 1 11 ? -0.385  -4.351  -11.114 1.00 4.82  ? 11 C A "H3'"  1 
ATOM 356 H "H2'"  . C A 1 11 ? -2.535  -3.353  -11.167 1.00 5.47  ? 11 C A "H2'"  1 
ATOM 357 H "HO2'" . C A 1 11 ? -2.952  -5.402  -12.832 1.00 6.19  ? 11 C A "HO2'" 1 
ATOM 358 H "H1'"  . C A 1 11 ? -3.934  -5.521  -9.850  1.00 5.04  ? 11 C A "H1'"  1 
ATOM 359 H H41    . C A 1 11 ? -4.377  -1.023  -5.439  1.00 6.39  ? 11 C A H41    1 
ATOM 360 H H42    . C A 1 11 ? -2.860  -0.288  -5.904  1.00 6.25  ? 11 C A H42    1 
ATOM 361 H H5     . C A 1 11 ? -1.437  -1.226  -7.676  1.00 4.22  ? 11 C A H5     1 
ATOM 362 H H6     . C A 1 11 ? -1.230  -3.012  -9.321  1.00 3.78  ? 11 C A H6     1 
ATOM 363 P P      . C A 1 12 ? -0.247  -4.553  -13.816 1.00 6.00  ? 12 C A P      1 
ATOM 364 O OP1    . C A 1 12 ? -0.545  -5.051  -15.178 1.00 6.17  ? 12 C A OP1    1 
ATOM 365 O OP2    . C A 1 12 ? 1.156   -4.486  -13.345 1.00 6.77  ? 12 C A OP2    1 
ATOM 366 O "O5'"  . C A 1 12 ? -0.909  -3.091  -13.660 1.00 5.64  ? 12 C A "O5'"  1 
ATOM 367 C "C5'"  . C A 1 12 ? -0.293  -2.080  -12.849 1.00 4.93  ? 12 C A "C5'"  1 
ATOM 368 C "C4'"  . C A 1 12 ? -1.227  -0.892  -12.634 1.00 5.00  ? 12 C A "C4'"  1 
ATOM 369 O "O4'"  . C A 1 12 ? -1.820  -0.971  -11.332 1.00 4.96  ? 12 C A "O4'"  1 
ATOM 370 C "C3'"  . C A 1 12 ? -0.540  0.462   -12.641 1.00 4.42  ? 12 C A "C3'"  1 
ATOM 371 O "O3'"  . C A 1 12 ? -0.542  0.940   -13.992 1.00 4.83  ? 12 C A "O3'"  1 
ATOM 372 C "C2'"  . C A 1 12 ? -1.507  1.321   -11.846 1.00 4.70  ? 12 C A "C2'"  1 
ATOM 373 O "O2'"  . C A 1 12 ? -2.618  1.718   -12.658 1.00 5.59  ? 12 C A "O2'"  1 
ATOM 374 C "C1'"  . C A 1 12 ? -1.958  0.346   -10.760 1.00 4.82  ? 12 C A "C1'"  1 
ATOM 375 N N1     . C A 1 12 ? -1.113  0.432   -9.552  1.00 4.21  ? 12 C A N1     1 
ATOM 376 C C2     . C A 1 12 ? -1.604  1.143   -8.464  1.00 4.37  ? 12 C A C2     1 
ATOM 377 O O2     . C A 1 12 ? -2.723  1.646   -8.507  1.00 5.04  ? 12 C A O2     1 
ATOM 378 N N3     . C A 1 12 ? -0.827  1.257   -7.354  1.00 4.01  ? 12 C A N3     1 
ATOM 379 C C4     . C A 1 12 ? 0.386   0.696   -7.312  1.00 3.50  ? 12 C A C4     1 
ATOM 380 N N4     . C A 1 12 ? 1.096   0.837   -6.198  1.00 3.43  ? 12 C A N4     1 
ATOM 381 C C5     . C A 1 12 ? 0.899   -0.036  -8.425  1.00 3.37  ? 12 C A C5     1 
ATOM 382 C C6     . C A 1 12 ? 0.122   -0.146  -9.516  1.00 3.74  ? 12 C A C6     1 
ATOM 383 H "H5'"  . C A 1 12 ? 0.615   -1.733  -13.343 1.00 4.94  ? 12 C A "H5'"  1 
ATOM 384 H "H5''" . C A 1 12 ? -0.031  -2.506  -11.881 1.00 4.54  ? 12 C A "H5''" 1 
ATOM 385 H "H4'"  . C A 1 12 ? -2.021  -0.926  -13.376 1.00 5.67  ? 12 C A "H4'"  1 
ATOM 386 H "H3'"  . C A 1 12 ? 0.464   0.439   -12.216 1.00 3.77  ? 12 C A "H3'"  1 
ATOM 387 H "H2'"  . C A 1 12 ? -0.997  2.180   -11.410 1.00 4.32  ? 12 C A "H2'"  1 
ATOM 388 H "HO2'" . C A 1 12 ? -2.551  2.670   -12.781 1.00 5.66  ? 12 C A "HO2'" 1 
ATOM 389 H "H1'"  . C A 1 12 ? -3.000  0.519   -10.491 1.00 5.43  ? 12 C A "H1'"  1 
ATOM 390 H H41    . C A 1 12 ? 0.717   1.357   -5.421  1.00 3.77  ? 12 C A H41    1 
ATOM 391 H H42    . C A 1 12 ? 2.014   0.420   -6.131  1.00 3.35  ? 12 C A H42    1 
ATOM 392 H H5     . C A 1 12 ? 1.892   -0.485  -8.402  1.00 3.26  ? 12 C A H5     1 
ATOM 393 H H6     . C A 1 12 ? 0.472   -0.720  -10.376 1.00 3.88  ? 12 C A H6     1 
ATOM 394 P P      . G A 1 13 ? 0.592   1.965   -14.499 1.00 4.43  ? 13 G A P      1 
ATOM 395 O OP1    . G A 1 13 ? 0.326   2.287   -15.920 1.00 4.78  ? 13 G A OP1    1 
ATOM 396 O OP2    . G A 1 13 ? 1.912   1.426   -14.101 1.00 4.54  ? 13 G A OP2    1 
ATOM 397 O "O5'"  . G A 1 13 ? 0.299   3.283   -13.613 1.00 4.17  ? 13 G A "O5'"  1 
ATOM 398 C "C5'"  . G A 1 13 ? -0.420  4.399   -14.167 1.00 4.22  ? 13 G A "C5'"  1 
ATOM 399 C "C4'"  . G A 1 13 ? -1.325  5.086   -13.148 1.00 4.07  ? 13 G A "C4'"  1 
ATOM 400 O "O4'"  . G A 1 13 ? -1.690  4.164   -12.103 1.00 3.89  ? 13 G A "O4'"  1 
ATOM 401 C "C3'"  . G A 1 13 ? -0.679  6.249   -12.406 1.00 3.68  ? 13 G A "C3'"  1 
ATOM 402 O "O3'"  . G A 1 13 ? -0.980  7.458   -13.119 1.00 4.00  ? 13 G A "O3'"  1 
ATOM 403 C "C2'"  . G A 1 13 ? -1.477  6.278   -11.123 1.00 3.52  ? 13 G A "C2'"  1 
ATOM 404 O "O2'"  . G A 1 13 ? -2.780  6.830   -11.357 1.00 3.95  ? 13 G A "O2'"  1 
ATOM 405 C "C1'"  . G A 1 13 ? -1.585  4.802   -10.812 1.00 3.51  ? 13 G A "C1'"  1 
ATOM 406 N N9     . G A 1 13 ? -0.387  4.286   -10.115 1.00 3.08  ? 13 G A N9     1 
ATOM 407 C C8     . G A 1 13 ? 0.733   3.711   -10.657 1.00 3.06  ? 13 G A C8     1 
ATOM 408 N N7     . G A 1 13 ? 1.642   3.394   -9.778  1.00 2.73  ? 13 G A N7     1 
ATOM 409 C C5     . G A 1 13 ? 1.086   3.788   -8.565  1.00 2.45  ? 13 G A C5     1 
ATOM 410 C C6     . G A 1 13 ? 1.612   3.698   -7.246  1.00 2.07  ? 13 G A C6     1 
ATOM 411 O O6     . G A 1 13 ? 2.699   3.253   -6.885  1.00 1.93  ? 13 G A O6     1 
ATOM 412 N N1     . G A 1 13 ? 0.732   4.204   -6.310  1.00 2.03  ? 13 G A N1     1 
ATOM 413 C C2     . G A 1 13 ? -0.502  4.732   -6.595  1.00 2.40  ? 13 G A C2     1 
ATOM 414 N N2     . G A 1 13 ? -1.218  5.174   -5.572  1.00 2.53  ? 13 G A N2     1 
ATOM 415 N N3     . G A 1 13 ? -1.010  4.825   -7.824  1.00 2.74  ? 13 G A N3     1 
ATOM 416 C C4     . G A 1 13 ? -0.161  4.333   -8.759  1.00 2.71  ? 13 G A C4     1 
ATOM 417 H "H5'"  . G A 1 13 ? -1.058  4.053   -14.968 1.00 4.65  ? 13 G A "H5'"  1 
ATOM 418 H "H5''" . G A 1 13 ? 0.311   5.120   -14.564 1.00 4.28  ? 13 G A "H5''" 1 
ATOM 419 H "H4'"  . G A 1 13 ? -2.235  5.411   -13.649 1.00 4.46  ? 13 G A "H4'"  1 
ATOM 420 H "H3'"  . G A 1 13 ? 0.393   6.119   -12.247 1.00 3.45  ? 13 G A "H3'"  1 
ATOM 421 H "H2'"  . G A 1 13 ? -0.941  6.810   -10.335 1.00 3.24  ? 13 G A "H2'"  1 
ATOM 422 H "HO2'" . G A 1 13 ? -2.849  7.000   -12.300 1.00 4.24  ? 13 G A "HO2'" 1 
ATOM 423 H "H1'"  . G A 1 13 ? -2.477  4.601   -10.218 1.00 3.64  ? 13 G A "H1'"  1 
ATOM 424 H H8     . G A 1 13 ? 0.848   3.524   -11.725 1.00 3.36  ? 13 G A H8     1 
ATOM 425 H H1     . G A 1 13 ? 1.028   4.183   -5.345  1.00 1.83  ? 13 G A H1     1 
ATOM 426 H H21    . G A 1 13 ? -0.852  5.114   -4.634  1.00 2.36  ? 13 G A H21    1 
ATOM 427 H H22    . G A 1 13 ? -2.131  5.573   -5.734  1.00 2.98  ? 13 G A H22    1 
ATOM 428 P P      . C A 1 14 ? -0.117  8.801   -12.863 1.00 3.81  ? 14 C A P      1 
ATOM 429 O OP1    . C A 1 14 ? -0.639  9.860   -13.754 1.00 4.44  ? 14 C A OP1    1 
ATOM 430 O OP2    . C A 1 14 ? 1.319   8.441   -12.910 1.00 3.72  ? 14 C A OP2    1 
ATOM 431 O "O5'"  . C A 1 14 ? -0.484  9.195   -11.339 1.00 3.48  ? 14 C A "O5'"  1 
ATOM 432 C "C5'"  . C A 1 14 ? -1.848  9.213   -10.889 1.00 3.73  ? 14 C A "C5'"  1 
ATOM 433 C "C4'"  . C A 1 14 ? -1.970  8.886   -9.397  1.00 3.39  ? 14 C A "C4'"  1 
ATOM 434 O "O4'"  . C A 1 14 ? -1.163  7.754   -9.082  1.00 2.98  ? 14 C A "O4'"  1 
ATOM 435 C "C3'"  . C A 1 14 ? -1.462  9.976   -8.466  1.00 3.13  ? 14 C A "C3'"  1 
ATOM 436 O "O3'"  . C A 1 14 ? -2.596  10.794  -8.143  1.00 3.55  ? 14 C A "O3'"  1 
ATOM 437 C "C2'"  . C A 1 14 ? -1.056  9.216   -7.211  1.00 2.65  ? 14 C A "C2'"  1 
ATOM 438 O "O2'"  . C A 1 14 ? -2.192  9.014   -6.361  1.00 2.94  ? 14 C A "O2'"  1 
ATOM 439 C "C1'"  . C A 1 14 ? -0.572  7.879   -7.780  1.00 2.59  ? 14 C A "C1'"  1 
ATOM 440 N N1     . C A 1 14 ? 0.895   7.806   -7.947  1.00 2.21  ? 14 C A N1     1 
ATOM 441 C C2     . C A 1 14 ? 1.663   7.436   -6.851  1.00 1.90  ? 14 C A C2     1 
ATOM 442 O O2     . C A 1 14 ? 1.137   7.226   -5.762  1.00 1.94  ? 14 C A O2     1 
ATOM 443 N N3     . C A 1 14 ? 3.010   7.312   -7.011  1.00 1.72  ? 14 C A N3     1 
ATOM 444 C C4     . C A 1 14 ? 3.578   7.545   -8.200  1.00 1.88  ? 14 C A C4     1 
ATOM 445 N N4     . C A 1 14 ? 4.894   7.398   -8.296  1.00 1.92  ? 14 C A N4     1 
ATOM 446 C C5     . C A 1 14 ? 2.796   7.932   -9.329  1.00 2.19  ? 14 C A C5     1 
ATOM 447 C C6     . C A 1 14 ? 1.470   8.051   -9.161  1.00 2.33  ? 14 C A C6     1 
ATOM 448 H "H5'"  . C A 1 14 ? -2.421  8.482   -11.459 1.00 4.10  ? 14 C A "H5'"  1 
ATOM 449 H "H5''" . C A 1 14 ? -2.265  10.205  -11.067 1.00 4.05  ? 14 C A "H5''" 1 
ATOM 450 H "H4'"  . C A 1 14 ? -3.004  8.628   -9.176  1.00 3.68  ? 14 C A "H4'"  1 
ATOM 451 H "H3'"  . C A 1 14 ? -0.644  10.563  -8.886  1.00 3.06  ? 14 C A "H3'"  1 
ATOM 452 H "H2'"  . C A 1 14 ? -0.249  9.733   -6.688  1.00 2.31  ? 14 C A "H2'"  1 
ATOM 453 H "HO2'" . C A 1 14 ? -2.876  9.623   -6.654  1.00 3.30  ? 14 C A "HO2'" 1 
ATOM 454 H "H1'"  . C A 1 14 ? -0.906  7.052   -7.155  1.00 2.64  ? 14 C A "H1'"  1 
ATOM 455 H H41    . C A 1 14 ? 5.432   7.123   -7.489  1.00 1.88  ? 14 C A H41    1 
ATOM 456 H H42    . C A 1 14 ? 5.356   7.567   -9.176  1.00 2.40  ? 14 C A H42    1 
ATOM 457 H H5     . C A 1 14 ? 3.252   8.127   -10.299 1.00 2.42  ? 14 C A H5     1 
ATOM 458 H H6     . C A 1 14 ? 0.844   8.344   -10.004 1.00 2.66  ? 14 C A H6     1 
ATOM 459 P P      . G A 1 15 ? -2.625  12.352  -8.558  1.00 3.83  ? 15 G A P      1 
ATOM 460 O OP1    . G A 1 15 ? -3.962  12.897  -8.227  1.00 4.45  ? 15 G A OP1    1 
ATOM 461 O OP2    . G A 1 15 ? -2.090  12.483  -9.930  1.00 4.13  ? 15 G A OP2    1 
ATOM 462 O "O5'"  . G A 1 15 ? -1.554  12.973  -7.536  1.00 3.29  ? 15 G A "O5'"  1 
ATOM 463 C "C5'"  . G A 1 15 ? -1.876  13.104  -6.144  1.00 3.07  ? 15 G A "C5'"  1 
ATOM 464 C "C4'"  . G A 1 15 ? -0.651  12.957  -5.261  1.00 2.66  ? 15 G A "C4'"  1 
ATOM 465 O "O4'"  . G A 1 15 ? 0.067   11.791  -5.639  1.00 2.33  ? 15 G A "O4'"  1 
ATOM 466 C "C3'"  . G A 1 15 ? 0.384   14.055  -5.398  1.00 2.81  ? 15 G A "C3'"  1 
ATOM 467 O "O3'"  . G A 1 15 ? 0.028   15.092  -4.472  1.00 3.10  ? 15 G A "O3'"  1 
ATOM 468 C "C2'"  . G A 1 15 ? 1.654   13.387  -4.876  1.00 2.70  ? 15 G A "C2'"  1 
ATOM 469 O "O2'"  . G A 1 15 ? 1.769   13.580  -3.461  1.00 3.18  ? 15 G A "O2'"  1 
ATOM 470 C "C1'"  . G A 1 15 ? 1.422   11.902  -5.195  1.00 2.14  ? 15 G A "C1'"  1 
ATOM 471 N N9     . G A 1 15 ? 2.323   11.410  -6.256  1.00 1.92  ? 15 G A N9     1 
ATOM 472 C C8     . G A 1 15 ? 2.051   11.163  -7.576  1.00 2.24  ? 15 G A C8     1 
ATOM 473 N N7     . G A 1 15 ? 3.080   10.723  -8.250  1.00 2.32  ? 15 G A N7     1 
ATOM 474 C C5     . G A 1 15 ? 4.103   10.678  -7.307  1.00 1.94  ? 15 G A C5     1 
ATOM 475 C C6     . G A 1 15 ? 5.464   10.281  -7.444  1.00 2.05  ? 15 G A C6     1 
ATOM 476 O O6     . G A 1 15 ? 6.054   9.882   -8.454  1.00 2.51  ? 15 G A O6     1 
ATOM 477 N N1     . G A 1 15 ? 6.146   10.394  -6.243  1.00 1.82  ? 15 G A N1     1 
ATOM 478 C C2     . G A 1 15 ? 5.602   10.831  -5.064  1.00 1.64  ? 15 G A C2     1 
ATOM 479 N N2     . G A 1 15 ? 6.408   10.899  -4.012  1.00 1.86  ? 15 G A N2     1 
ATOM 480 N N3     . G A 1 15 ? 4.334   11.200  -4.922  1.00 1.60  ? 15 G A N3     1 
ATOM 481 C C4     . G A 1 15 ? 3.646   11.099  -6.082  1.00 1.69  ? 15 G A C4     1 
ATOM 482 H "H5'"  . G A 1 15 ? -2.565  12.321  -5.856  1.00 3.13  ? 15 G A "H5'"  1 
ATOM 483 H "H5''" . G A 1 15 ? -2.342  14.087  -5.984  1.00 3.32  ? 15 G A "H5''" 1 
ATOM 484 H "H4'"  . G A 1 15 ? -0.965  12.845  -4.226  1.00 2.74  ? 15 G A "H4'"  1 
ATOM 485 H "H3'"  . G A 1 15 ? 0.482   14.431  -6.419  1.00 3.06  ? 15 G A "H3'"  1 
ATOM 486 H "H2'"  . G A 1 15 ? 2.532   13.761  -5.402  1.00 3.00  ? 15 G A "H2'"  1 
ATOM 487 H "HO2'" . G A 1 15 ? 1.103   14.226  -3.208  1.00 3.66  ? 15 G A "HO2'" 1 
ATOM 488 H "H1'"  . G A 1 15 ? 1.551   11.289  -4.308  1.00 2.16  ? 15 G A "H1'"  1 
ATOM 489 H H8     . G A 1 15 ? 1.072   11.331  -8.023  1.00 2.58  ? 15 G A H8     1 
ATOM 490 H H1     . G A 1 15 ? 7.114   10.129  -6.240  1.00 2.04  ? 15 G A H1     1 
ATOM 491 H H21    . G A 1 15 ? 7.378   10.629  -4.095  1.00 1.79  ? 15 G A H21    1 
ATOM 492 H H22    . G A 1 15 ? 6.048   11.222  -3.126  1.00 2.48  ? 15 G A H22    1 
ATOM 493 P P      . C A 1 16 ? -0.294  16.586  -4.987  1.00 3.40  ? 16 C A P      1 
ATOM 494 O OP1    . C A 1 16 ? -1.393  17.133  -4.159  1.00 3.91  ? 16 C A OP1    1 
ATOM 495 O OP2    . C A 1 16 ? -0.424  16.554  -6.461  1.00 3.68  ? 16 C A OP2    1 
ATOM 496 O "O5'"  . C A 1 16 ? 1.062   17.378  -4.620  1.00 3.41  ? 16 C A "O5'"  1 
ATOM 497 C "C5'"  . C A 1 16 ? 1.439   17.594  -3.254  1.00 3.61  ? 16 C A "C5'"  1 
ATOM 498 C "C4'"  . C A 1 16 ? 2.878   18.097  -3.137  1.00 3.74  ? 16 C A "C4'"  1 
ATOM 499 O "O4'"  . C A 1 16 ? 3.776   16.988  -3.223  1.00 3.31  ? 16 C A "O4'"  1 
ATOM 500 C "C3'"  . C A 1 16 ? 3.316   19.037  -4.252  1.00 3.97  ? 16 C A "C3'"  1 
ATOM 501 O "O3'"  . C A 1 16 ? 2.989   20.393  -3.923  1.00 4.59  ? 16 C A "O3'"  1 
ATOM 502 C "C2'"  . C A 1 16 ? 4.825   18.842  -4.252  1.00 3.93  ? 16 C A "C2'"  1 
ATOM 503 O "O2'"  . C A 1 16 ? 5.429   19.630  -3.216  1.00 4.43  ? 16 C A "O2'"  1 
ATOM 504 C "C1'"  . C A 1 16 ? 4.964   17.351  -3.941  1.00 3.37  ? 16 C A "C1'"  1 
ATOM 505 N N1     . C A 1 16 ? 5.058   16.525  -5.165  1.00 2.99  ? 16 C A N1     1 
ATOM 506 C C2     . C A 1 16 ? 6.302   16.406  -5.768  1.00 3.07  ? 16 C A C2     1 
ATOM 507 O O2     . C A 1 16 ? 7.283   16.967  -5.287  1.00 3.39  ? 16 C A O2     1 
ATOM 508 N N3     . C A 1 16 ? 6.413   15.656  -6.897  1.00 3.01  ? 16 C A N3     1 
ATOM 509 C C4     . C A 1 16 ? 5.345   15.044  -7.416  1.00 2.80  ? 16 C A C4     1 
ATOM 510 N N4     . C A 1 16 ? 5.521   14.327  -8.519  1.00 2.98  ? 16 C A N4     1 
ATOM 511 C C5     . C A 1 16 ? 4.058   15.158  -6.805  1.00 2.64  ? 16 C A C5     1 
ATOM 512 C C6     . C A 1 16 ? 3.958   15.904  -5.687  1.00 2.79  ? 16 C A C6     1 
ATOM 513 H "H5'"  . C A 1 16 ? 1.347   16.656  -2.706  1.00 3.40  ? 16 C A "H5'"  1 
ATOM 514 H "H5''" . C A 1 16 ? 0.768   18.331  -2.811  1.00 4.02  ? 16 C A "H5''" 1 
ATOM 515 H "H4'"  . C A 1 16 ? 3.009   18.569  -2.165  1.00 4.12  ? 16 C A "H4'"  1 
ATOM 516 H "H3'"  . C A 1 16 ? 2.883   18.737  -5.210  1.00 3.79  ? 16 C A "H3'"  1 
ATOM 517 H "HO3'" . C A 1 16 ? 3.799   20.818  -3.627  1.00 4.56  ? 16 C A "HO3'" 1 
ATOM 518 H "H2'"  . C A 1 16 ? 5.247   19.075  -5.232  1.00 4.01  ? 16 C A "H2'"  1 
ATOM 519 H "HO2'" . C A 1 16 ? 5.254   19.187  -2.382  1.00 4.39  ? 16 C A "HO2'" 1 
ATOM 520 H "H1'"  . C A 1 16 ? 5.835   17.166  -3.312  1.00 3.48  ? 16 C A "H1'"  1 
ATOM 521 H H41    . C A 1 16 ? 6.438   14.260  -8.935  1.00 3.06  ? 16 C A H41    1 
ATOM 522 H H42    . C A 1 16 ? 4.741   13.847  -8.937  1.00 3.34  ? 16 C A H42    1 
ATOM 523 H H5     . C A 1 16 ? 3.180   14.662  -7.222  1.00 2.61  ? 16 C A H5     1 
ATOM 524 H H6     . C A 1 16 ? 2.992   16.008  -5.193  1.00 2.92  ? 16 C A H6     1 
ATOM 525 O "O5'"  . G B 2 1  ? 13.877  9.630   -9.601  1.00 4.71  ? 17 G B "O5'"  1 
ATOM 526 C "C5'"  . G B 2 1  ? 14.969  10.563  -9.651  1.00 5.10  ? 17 G B "C5'"  1 
ATOM 527 C "C4'"  . G B 2 1  ? 15.198  11.266  -8.319  1.00 4.97  ? 17 G B "C4'"  1 
ATOM 528 O "O4'"  . G B 2 1  ? 14.765  12.631  -8.415  1.00 4.89  ? 17 G B "O4'"  1 
ATOM 529 C "C3'"  . G B 2 1  ? 14.421  10.671  -7.144  1.00 4.54  ? 17 G B "C3'"  1 
ATOM 530 O "O3'"  . G B 2 1  ? 15.373  9.915   -6.379  1.00 4.77  ? 17 G B "O3'"  1 
ATOM 531 C "C2'"  . G B 2 1  ? 14.010  11.882  -6.322  1.00 4.40  ? 17 G B "C2'"  1 
ATOM 532 O "O2'"  . G B 2 1  ? 15.074  12.280  -5.447  1.00 4.75  ? 17 G B "O2'"  1 
ATOM 533 C "C1'"  . G B 2 1  ? 13.791  12.931  -7.406  1.00 4.50  ? 17 G B "C1'"  1 
ATOM 534 N N9     . G B 2 1  ? 12.450  12.870  -8.030  1.00 4.15  ? 17 G B N9     1 
ATOM 535 C C8     . G B 2 1  ? 12.050  12.146  -9.126  1.00 4.17  ? 17 G B C8     1 
ATOM 536 N N7     . G B 2 1  ? 10.813  12.353  -9.471  1.00 3.89  ? 17 G B N7     1 
ATOM 537 C C5     . G B 2 1  ? 10.354  13.278  -8.540  1.00 3.66  ? 17 G B C5     1 
ATOM 538 C C6     . G B 2 1  ? 9.074   13.880  -8.413  1.00 3.40  ? 17 G B C6     1 
ATOM 539 O O6     . G B 2 1  ? 8.081   13.716  -9.115  1.00 3.29  ? 17 G B O6     1 
ATOM 540 N N1     . G B 2 1  ? 9.024   14.750  -7.344  1.00 3.38  ? 17 G B N1     1 
ATOM 541 C C2     . G B 2 1  ? 10.070  15.017  -6.497  1.00 3.61  ? 17 G B C2     1 
ATOM 542 N N2     . G B 2 1  ? 9.847   15.880  -5.517  1.00 3.69  ? 17 G B N2     1 
ATOM 543 N N3     . G B 2 1  ? 11.278  14.462  -6.603  1.00 3.83  ? 17 G B N3     1 
ATOM 544 C C4     . G B 2 1  ? 11.347  13.602  -7.648  1.00 3.84  ? 17 G B C4     1 
ATOM 545 H "H5'"  . G B 2 1  ? 14.751  11.333  -10.379 1.00 5.54  ? 17 G B "H5'"  1 
ATOM 546 H "H5''" . G B 2 1  ? 15.877  10.019  -9.950  1.00 5.29  ? 17 G B "H5''" 1 
ATOM 547 H "H4'"  . G B 2 1  ? 16.264  11.264  -8.105  1.00 5.31  ? 17 G B "H4'"  1 
ATOM 548 H "H3'"  . G B 2 1  ? 13.568  10.061  -7.447  1.00 4.25  ? 17 G B "H3'"  1 
ATOM 549 H "H2'"  . G B 2 1  ? 13.085  11.688  -5.772  1.00 4.06  ? 17 G B "H2'"  1 
ATOM 550 H "HO2'" . G B 2 1  ? 15.644  11.516  -5.330  1.00 4.87  ? 17 G B "HO2'" 1 
ATOM 551 H "H1'"  . G B 2 1  ? 13.967  13.933  -7.019  1.00 4.62  ? 17 G B "H1'"  1 
ATOM 552 H H8     . G B 2 1  ? 12.708  11.461  -9.657  1.00 4.46  ? 17 G B H8     1 
ATOM 553 H H1     . G B 2 1  ? 8.144   15.218  -7.177  1.00 3.29  ? 17 G B H1     1 
ATOM 554 H H21    . G B 2 1  ? 8.940   16.311  -5.420  1.00 3.61  ? 17 G B H21    1 
ATOM 555 H H22    . G B 2 1  ? 10.585  16.104  -4.869  1.00 3.91  ? 17 G B H22    1 
ATOM 556 H "HO5'" . G B 2 1  ? 14.134  8.919   -9.007  1.00 4.73  ? 17 G B "HO5'" 1 
ATOM 557 P P      . C B 2 2  ? 15.144  8.343   -6.105  1.00 4.64  ? 18 C B P      1 
ATOM 558 O OP1    . C B 2 2  ? 16.370  7.794   -5.484  1.00 5.17  ? 18 C B OP1    1 
ATOM 559 O OP2    . C B 2 2  ? 14.595  7.733   -7.338  1.00 4.81  ? 18 C B OP2    1 
ATOM 560 O "O5'"  . C B 2 2  ? 13.983  8.385   -4.998  1.00 4.09  ? 18 C B "O5'"  1 
ATOM 561 C "C5'"  . C B 2 2  ? 14.248  8.902   -3.689  1.00 4.13  ? 18 C B "C5'"  1 
ATOM 562 C "C4'"  . C B 2 2  ? 13.012  9.571   -3.107  1.00 3.66  ? 18 C B "C4'"  1 
ATOM 563 O "O4'"  . C B 2 2  ? 12.465  10.432  -4.090  1.00 3.46  ? 18 C B "O4'"  1 
ATOM 564 C "C3'"  . C B 2 2  ? 11.865  8.633   -2.766  1.00 3.31  ? 18 C B "C3'"  1 
ATOM 565 O "O3'"  . C B 2 2  ? 11.982  8.319   -1.369  1.00 3.50  ? 18 C B "O3'"  1 
ATOM 566 C "C2'"  . C B 2 2  ? 10.615  9.504   -2.934  1.00 2.93  ? 18 C B "C2'"  1 
ATOM 567 O "O2'"  . C B 2 2  ? 10.170  9.983   -1.660  1.00 3.02  ? 18 C B "O2'"  1 
ATOM 568 C "C1'"  . C B 2 2  ? 11.094  10.679  -3.802  1.00 3.01  ? 18 C B "C1'"  1 
ATOM 569 N N1     . C B 2 2  ? 10.346  10.780  -5.071  1.00 2.84  ? 18 C B N1     1 
ATOM 570 C C2     . C B 2 2  ? 9.205   11.563  -5.074  1.00 2.59  ? 18 C B C2     1 
ATOM 571 O O2     . C B 2 2  ? 8.837   12.130  -4.051  1.00 2.60  ? 18 C B O2     1 
ATOM 572 N N3     . C B 2 2  ? 8.484   11.660  -6.216  1.00 2.56  ? 18 C B N3     1 
ATOM 573 C C4     . C B 2 2  ? 8.859   11.010  -7.319  1.00 2.82  ? 18 C B C4     1 
ATOM 574 N N4     . C B 2 2  ? 8.036   11.075  -8.355  1.00 2.95  ? 18 C B N4     1 
ATOM 575 C C5     . C B 2 2  ? 10.036  10.198  -7.333  1.00 3.15  ? 18 C B C5     1 
ATOM 576 C C6     . C B 2 2  ? 10.750  10.114  -6.193  1.00 3.12  ? 18 C B C6     1 
ATOM 577 H "H5'"  . C B 2 2  ? 15.055  9.634   -3.748  1.00 4.44  ? 18 C B "H5'"  1 
ATOM 578 H "H5''" . C B 2 2  ? 14.555  8.084   -3.035  1.00 4.28  ? 18 C B "H5''" 1 
ATOM 579 H "H4'"  . C B 2 2  ? 13.297  10.168  -2.245  1.00 3.83  ? 18 C B "H4'"  1 
ATOM 580 H "H3'"  . C B 2 2  ? 11.847  7.733   -3.383  1.00 3.31  ? 18 C B "H3'"  1 
ATOM 581 H "H2'"  . C B 2 2  ? 9.826   8.947   -3.445  1.00 2.74  ? 18 C B "H2'"  1 
ATOM 582 H "HO2'" . C B 2 2  ? 10.705  9.548   -0.990  1.00 3.04  ? 18 C B "HO2'" 1 
ATOM 583 H "H1'"  . C B 2 2  ? 11.013  11.619  -3.266  1.00 3.04  ? 18 C B "H1'"  1 
ATOM 584 H H41    . C B 2 2  ? 7.224   11.674  -8.312  1.00 3.28  ? 18 C B H41    1 
ATOM 585 H H42    . C B 2 2  ? 8.214   10.540  -9.186  1.00 2.98  ? 18 C B H42    1 
ATOM 586 H H5     . C B 2 2  ? 10.352  9.666   -8.229  1.00 3.53  ? 18 C B H5     1 
ATOM 587 H H6     . C B 2 2  ? 11.665  9.522   -6.171  1.00 3.45  ? 18 C B H6     1 
ATOM 588 P P      . G B 2 3  ? 11.624  6.847   -0.811  1.00 3.53  ? 19 G B P      1 
ATOM 589 O OP1    . G B 2 3  ? 12.527  6.553   0.324   1.00 4.21  ? 19 G B OP1    1 
ATOM 590 O OP2    . G B 2 3  ? 11.554  5.916   -1.960  1.00 3.68  ? 19 G B OP2    1 
ATOM 591 O "O5'"  . G B 2 3  ? 10.130  7.043   -0.233  1.00 3.05  ? 19 G B "O5'"  1 
ATOM 592 C "C5'"  . G B 2 3  ? 9.898   7.789   0.975   1.00 3.20  ? 19 G B "C5'"  1 
ATOM 593 C "C4'"  . G B 2 3  ? 8.419   7.879   1.334   1.00 2.81  ? 19 G B "C4'"  1 
ATOM 594 O "O4'"  . G B 2 3  ? 7.785   8.861   0.501   1.00 2.54  ? 19 G B "O4'"  1 
ATOM 595 C "C3'"  . G B 2 3  ? 7.627   6.596   1.103   1.00 2.49  ? 19 G B "C3'"  1 
ATOM 596 O "O3'"  . G B 2 3  ? 7.531   5.921   2.365   1.00 2.77  ? 19 G B "O3'"  1 
ATOM 597 C "C2'"  . G B 2 3  ? 6.237   7.103   0.755   1.00 2.15  ? 19 G B "C2'"  1 
ATOM 598 O "O2'"  . G B 2 3  ? 5.522   7.463   1.945   1.00 2.42  ? 19 G B "O2'"  1 
ATOM 599 C "C1'"  . G B 2 3  ? 6.568   8.342   -0.065  1.00 2.11  ? 19 G B "C1'"  1 
ATOM 600 N N9     . G B 2 3  ? 6.806   8.025   -1.487  1.00 1.81  ? 19 G B N9     1 
ATOM 601 C C8     . G B 2 3  ? 7.994   7.737   -2.108  1.00 2.03  ? 19 G B C8     1 
ATOM 602 N N7     . G B 2 3  ? 7.872   7.488   -3.381  1.00 1.87  ? 19 G B N7     1 
ATOM 603 C C5     . G B 2 3  ? 6.509   7.622   -3.620  1.00 1.44  ? 19 G B C5     1 
ATOM 604 C C6     . G B 2 3  ? 5.778   7.469   -4.827  1.00 1.28  ? 19 G B C6     1 
ATOM 605 O O6     . G B 2 3  ? 6.201   7.186   -5.941  1.00 1.51  ? 19 G B O6     1 
ATOM 606 N N1     . G B 2 3  ? 4.428   7.689   -4.638  1.00 1.09  ? 19 G B N1     1 
ATOM 607 C C2     . G B 2 3  ? 3.845   8.017   -3.440  1.00 1.12  ? 19 G B C2     1 
ATOM 608 N N2     . G B 2 3  ? 2.531   8.196   -3.438  1.00 1.31  ? 19 G B N2     1 
ATOM 609 N N3     . G B 2 3  ? 4.516   8.164   -2.299  1.00 1.30  ? 19 G B N3     1 
ATOM 610 C C4     . G B 2 3  ? 5.844   7.952   -2.465  1.00 1.42  ? 19 G B C4     1 
ATOM 611 H "H5'"  . G B 2 3  ? 10.250  8.804   0.845   1.00 3.46  ? 19 G B "H5'"  1 
ATOM 612 H "H5''" . G B 2 3  ? 10.454  7.308   1.794   1.00 3.46  ? 19 G B "H5''" 1 
ATOM 613 H "H4'"  . G B 2 3  ? 8.327   8.202   2.369   1.00 3.03  ? 19 G B "H4'"  1 
ATOM 614 H "H3'"  . G B 2 3  ? 8.058   5.956   0.330   1.00 2.44  ? 19 G B "H3'"  1 
ATOM 615 H "H2'"  . G B 2 3  ? 5.691   6.371   0.156   1.00 1.90  ? 19 G B "H2'"  1 
ATOM 616 H "HO2'" . G B 2 3  ? 6.057   7.183   2.691   1.00 2.64  ? 19 G B "HO2'" 1 
ATOM 617 H "H1'"  . G B 2 3  ? 5.780   9.091   0.016   1.00 2.13  ? 19 G B "H1'"  1 
ATOM 618 H H8     . G B 2 3  ? 8.949   7.717   -1.585  1.00 2.41  ? 19 G B H8     1 
ATOM 619 H H1     . G B 2 3  ? 3.832   7.600   -5.447  1.00 1.19  ? 19 G B H1     1 
ATOM 620 H H21    . G B 2 3  ? 2.004   8.089   -4.293  1.00 1.40  ? 19 G B H21    1 
ATOM 621 H H22    . G B 2 3  ? 2.061   8.442   -2.581  1.00 1.52  ? 19 G B H22    1 
ATOM 622 P P      . U B 2 4  ? 7.301   4.327   2.431   1.00 2.74  ? 20 U B P      1 
ATOM 623 O OP1    . U B 2 4  ? 6.443   4.034   3.601   1.00 3.27  ? 20 U B OP1    1 
ATOM 624 O OP2    . U B 2 4  ? 8.619   3.666   2.301   1.00 3.34  ? 20 U B OP2    1 
ATOM 625 O "O5'"  . U B 2 4  ? 6.453   4.032   1.089   1.00 2.15  ? 20 U B "O5'"  1 
ATOM 626 C "C5'"  . U B 2 4  ? 5.190   3.355   1.146   1.00 2.01  ? 20 U B "C5'"  1 
ATOM 627 C "C4'"  . U B 2 4  ? 4.031   4.279   0.775   1.00 1.91  ? 20 U B "C4'"  1 
ATOM 628 O "O4'"  . U B 2 4  ? 4.353   4.995   -0.424  1.00 1.61  ? 20 U B "O4'"  1 
ATOM 629 C "C3'"  . U B 2 4  ? 2.724   3.555   0.464   1.00 2.05  ? 20 U B "C3'"  1 
ATOM 630 O "O3'"  . U B 2 4  ? 1.650   4.478   0.709   1.00 2.47  ? 20 U B "O3'"  1 
ATOM 631 C "C2'"  . U B 2 4  ? 2.793   3.334   -1.039  1.00 1.74  ? 20 U B "C2'"  1 
ATOM 632 O "O2'"  . U B 2 4  ? 1.473   3.265   -1.593  1.00 2.10  ? 20 U B "O2'"  1 
ATOM 633 C "C1'"  . U B 2 4  ? 3.508   4.597   -1.513  1.00 1.48  ? 20 U B "C1'"  1 
ATOM 634 N N1     . U B 2 4  ? 4.356   4.362   -2.705  1.00 1.20  ? 20 U B N1     1 
ATOM 635 C C2     . U B 2 4  ? 3.727   4.263   -3.936  1.00 1.23  ? 20 U B C2     1 
ATOM 636 O O2     . U B 2 4  ? 2.511   4.373   -4.075  1.00 1.47  ? 20 U B O2     1 
ATOM 637 N N3     . U B 2 4  ? 4.552   4.047   -5.018  1.00 1.33  ? 20 U B N3     1 
ATOM 638 C C4     . U B 2 4  ? 5.925   3.924   -4.985  1.00 1.52  ? 20 U B C4     1 
ATOM 639 O O4     . U B 2 4  ? 6.547   3.735   -6.025  1.00 1.90  ? 20 U B O4     1 
ATOM 640 C C5     . U B 2 4  ? 6.511   4.039   -3.669  1.00 1.50  ? 20 U B C5     1 
ATOM 641 C C6     . U B 2 4  ? 5.719   4.250   -2.590  1.00 1.30  ? 20 U B C6     1 
ATOM 642 H "H5'"  . U B 2 4  ? 5.032   2.977   2.157   1.00 2.43  ? 20 U B "H5'"  1 
ATOM 643 H "H5''" . U B 2 4  ? 5.208   2.514   0.453   1.00 2.04  ? 20 U B "H5''" 1 
ATOM 644 H "H4'"  . U B 2 4  ? 3.889   5.002   1.576   1.00 2.20  ? 20 U B "H4'"  1 
ATOM 645 H "H3'"  . U B 2 4  ? 2.600   2.630   1.028   1.00 2.24  ? 20 U B "H3'"  1 
ATOM 646 H "H2'"  . U B 2 4  ? 3.377   2.445   -1.277  1.00 1.68  ? 20 U B "H2'"  1 
ATOM 647 H "HO2'" . U B 2 4  ? 0.869   3.597   -0.920  1.00 2.23  ? 20 U B "HO2'" 1 
ATOM 648 H "H1'"  . U B 2 4  ? 2.794   5.390   -1.728  1.00 1.69  ? 20 U B "H1'"  1 
ATOM 649 H H3     . U B 2 4  ? 4.109   3.964   -5.921  1.00 1.50  ? 20 U B H3     1 
ATOM 650 H H5     . U B 2 4  ? 7.590   3.957   -3.544  1.00 1.83  ? 20 U B H5     1 
ATOM 651 H H6     . U B 2 4  ? 6.177   4.333   -1.603  1.00 1.47  ? 20 U B H6     1 
ATOM 652 P P      . C B 2 5  ? 1.315   4.997   2.202   1.00 3.21  ? 21 C B P      1 
ATOM 653 O OP1    . C B 2 5  ? 1.326   6.476   2.189   1.00 3.99  ? 21 C B OP1    1 
ATOM 654 O OP2    . C B 2 5  ? 2.175   4.263   3.160   1.00 3.89  ? 21 C B OP2    1 
ATOM 655 O "O5'"  . C B 2 5  ? -0.208  4.511   2.415   1.00 2.95  ? 21 C B "O5'"  1 
ATOM 656 C "C5'"  . C B 2 5  ? -0.503  3.177   2.850   1.00 2.77  ? 21 C B "C5'"  1 
ATOM 657 C "C4'"  . C B 2 5  ? -0.530  2.200   1.676   1.00 2.66  ? 21 C B "C4'"  1 
ATOM 658 O "O4'"  . C B 2 5  ? 0.517   1.257   1.812   1.00 2.40  ? 21 C B "O4'"  1 
ATOM 659 C "C3'"  . C B 2 5  ? -1.776  1.330   1.597   1.00 2.56  ? 21 C B "C3'"  1 
ATOM 660 O "O3'"  . C B 2 5  ? -2.683  1.976   0.691   1.00 3.05  ? 21 C B "O3'"  1 
ATOM 661 C "C2'"  . C B 2 5  ? -1.295  0.035   0.920   1.00 2.51  ? 21 C B "C2'"  1 
ATOM 662 O "O2'"  . C B 2 5  ? -1.752  -0.013  -0.438  1.00 2.94  ? 21 C B "O2'"  1 
ATOM 663 C "C1'"  . C B 2 5  ? 0.236   0.151   0.957   1.00 2.24  ? 21 C B "C1'"  1 
ATOM 664 N N1     . C B 2 5  ? 0.929   -1.053  1.495   1.00 1.92  ? 21 C B N1     1 
ATOM 665 C C2     . C B 2 5  ? 0.300   -1.828  2.467   1.00 2.19  ? 21 C B C2     1 
ATOM 666 O O2     . C B 2 5  ? -0.837  -1.577  2.834   1.00 2.67  ? 21 C B O2     1 
ATOM 667 N N3     . C B 2 5  ? 0.961   -2.898  2.979   1.00 2.20  ? 21 C B N3     1 
ATOM 668 C C4     . C B 2 5  ? 2.186   -3.211  2.560   1.00 2.13  ? 21 C B C4     1 
ATOM 669 N N4     . C B 2 5  ? 2.771   -4.271  3.112   1.00 2.56  ? 21 C B N4     1 
ATOM 670 C C5     . C B 2 5  ? 2.840   -2.430  1.557   1.00 1.96  ? 21 C B C5     1 
ATOM 671 C C6     . C B 2 5  ? 2.179   -1.368  1.058   1.00 1.74  ? 21 C B C6     1 
ATOM 672 H "H5'"  . C B 2 5  ? -1.476  3.171   3.341   1.00 3.04  ? 21 C B "H5'"  1 
ATOM 673 H "H5''" . C B 2 5  ? 0.257   2.856   3.563   1.00 3.03  ? 21 C B "H5''" 1 
ATOM 674 H "H4'"  . C B 2 5  ? -0.382  2.751   0.751   1.00 3.00  ? 21 C B "H4'"  1 
ATOM 675 H "H3'"  . C B 2 5  ? -2.235  1.158   2.570   1.00 2.33  ? 21 C B "H3'"  1 
ATOM 676 H "H2'"  . C B 2 5  ? -1.630  -0.838  1.480   1.00 2.45  ? 21 C B "H2'"  1 
ATOM 677 H "HO2'" . C B 2 5  ? -2.292  0.770   -0.581  1.00 3.18  ? 21 C B "HO2'" 1 
ATOM 678 H "H1'"  . C B 2 5  ? 0.624   0.369   -0.038  1.00 2.40  ? 21 C B "H1'"  1 
ATOM 679 H H41    . C B 2 5  ? 2.283   -4.804  3.822   1.00 2.75  ? 21 C B H41    1 
ATOM 680 H H42    . C B 2 5  ? 3.699   -4.543  2.821   1.00 2.92  ? 21 C B H42    1 
ATOM 681 H H5     . C B 2 5  ? 3.833   -2.686  1.192   1.00 2.27  ? 21 C B H5     1 
ATOM 682 H H6     . C B 2 5  ? 2.646   -0.754  0.293   1.00 1.77  ? 21 C B H6     1 
ATOM 683 P P      . C B 2 6  ? -4.069  2.605   1.223   1.00 3.11  ? 22 C B P      1 
ATOM 684 O OP1    . C B 2 6  ? -4.664  3.404   0.128   1.00 3.72  ? 22 C B OP1    1 
ATOM 685 O OP2    . C B 2 6  ? -3.820  3.230   2.542   1.00 3.14  ? 22 C B OP2    1 
ATOM 686 O "O5'"  . C B 2 6  ? -4.983  1.295   1.456   1.00 2.85  ? 22 C B "O5'"  1 
ATOM 687 C "C5'"  . C B 2 6  ? -5.855  0.810   0.425   1.00 3.04  ? 22 C B "C5'"  1 
ATOM 688 C "C4'"  . C B 2 6  ? -6.038  -0.706  0.500   1.00 2.84  ? 22 C B "C4'"  1 
ATOM 689 O "O4'"  . C B 2 6  ? -4.765  -1.345  0.655   1.00 2.60  ? 22 C B "O4'"  1 
ATOM 690 C "C3'"  . C B 2 6  ? -6.842  -1.206  1.675   1.00 2.62  ? 22 C B "C3'"  1 
ATOM 691 O "O3'"  . C B 2 6  ? -8.216  -1.194  1.267   1.00 2.94  ? 22 C B "O3'"  1 
ATOM 692 C "C2'"  . C B 2 6  ? -6.389  -2.654  1.748   1.00 2.48  ? 22 C B "C2'"  1 
ATOM 693 O "O2'"  . C B 2 6  ? -7.004  -3.429  0.710   1.00 2.88  ? 22 C B "O2'"  1 
ATOM 694 C "C1'"  . C B 2 6  ? -4.895  -2.505  1.497   1.00 2.34  ? 22 C B "C1'"  1 
ATOM 695 N N1     . C B 2 6  ? -4.153  -2.286  2.759   1.00 2.03  ? 22 C B N1     1 
ATOM 696 C C2     . C B 2 6  ? -4.092  -3.343  3.651   1.00 1.89  ? 22 C B C2     1 
ATOM 697 O O2     . C B 2 6  ? -4.618  -4.418  3.378   1.00 2.05  ? 22 C B O2     1 
ATOM 698 N N3     . C B 2 6  ? -3.453  -3.165  4.834   1.00 1.76  ? 22 C B N3     1 
ATOM 699 C C4     . C B 2 6  ? -2.894  -1.996  5.141   1.00 1.74  ? 22 C B C4     1 
ATOM 700 N N4     . C B 2 6  ? -2.281  -1.901  6.315   1.00 1.76  ? 22 C B N4     1 
ATOM 701 C C5     . C B 2 6  ? -2.950  -0.893  4.232   1.00 1.92  ? 22 C B C5     1 
ATOM 702 C C6     . C B 2 6  ? -3.583  -1.081  3.056   1.00 2.07  ? 22 C B C6     1 
ATOM 703 H "H5'"  . C B 2 6  ? -5.433  1.067   -0.547  1.00 3.24  ? 22 C B "H5'"  1 
ATOM 704 H "H5''" . C B 2 6  ? -6.828  1.291   0.527   1.00 3.22  ? 22 C B "H5''" 1 
ATOM 705 H "H4'"  . C B 2 6  ? -6.490  -1.062  -0.416  1.00 3.13  ? 22 C B "H4'"  1 
ATOM 706 H "H3'"  . C B 2 6  ? -6.671  -0.642  2.591   1.00 2.46  ? 22 C B "H3'"  1 
ATOM 707 H "H2'"  . C B 2 6  ? -6.570  -3.079  2.733   1.00 2.29  ? 22 C B "H2'"  1 
ATOM 708 H "HO2'" . C B 2 6  ? -7.920  -3.144  0.649   1.00 3.26  ? 22 C B "HO2'" 1 
ATOM 709 H "H1'"  . C B 2 6  ? -4.492  -3.378  0.981   1.00 2.40  ? 22 C B "H1'"  1 
ATOM 710 H H41    . C B 2 6  ? -2.256  -2.700  6.939   1.00 1.67  ? 22 C B H41    1 
ATOM 711 H H42    . C B 2 6  ? -1.838  -1.037  6.586   1.00 2.25  ? 22 C B H42    1 
ATOM 712 H H5     . C B 2 6  ? -2.498  0.069   4.473   1.00 2.08  ? 22 C B H5     1 
ATOM 713 H H6     . C B 2 6  ? -3.620  -0.272  2.326   1.00 2.33  ? 22 C B H6     1 
ATOM 714 P P      . C B 2 7  ? -9.325  -0.356  2.084   1.00 2.97  ? 23 C B P      1 
ATOM 715 O OP1    . C B 2 7  ? -10.048 0.516   1.132   1.00 3.26  ? 23 C B OP1    1 
ATOM 716 O OP2    . C B 2 7  ? -8.680  0.226   3.284   1.00 3.33  ? 23 C B OP2    1 
ATOM 717 O "O5'"  . C B 2 7  ? -10.322 -1.524  2.564   1.00 2.87  ? 23 C B "O5'"  1 
ATOM 718 C "C5'"  . C B 2 7  ? -10.834 -2.477  1.623   1.00 3.11  ? 23 C B "C5'"  1 
ATOM 719 C "C4'"  . C B 2 7  ? -11.079 -3.833  2.278   1.00 3.03  ? 23 C B "C4'"  1 
ATOM 720 O "O4'"  . C B 2 7  ? -9.815  -4.459  2.535   1.00 2.76  ? 23 C B "O4'"  1 
ATOM 721 C "C3'"  . C B 2 7  ? -11.780 -3.762  3.630   1.00 2.92  ? 23 C B "C3'"  1 
ATOM 722 O "O3'"  . C B 2 7  ? -13.155 -4.113  3.411   1.00 3.32  ? 23 C B "O3'"  1 
ATOM 723 C "C2'"  . C B 2 7  ? -11.147 -4.890  4.430   1.00 2.71  ? 23 C B "C2'"  1 
ATOM 724 O "O2'"  . C B 2 7  ? -11.809 -6.133  4.167   1.00 3.09  ? 23 C B "O2'"  1 
ATOM 725 C "C1'"  . C B 2 7  ? -9.728  -4.924  3.889   1.00 2.50  ? 23 C B "C1'"  1 
ATOM 726 N N1     . C B 2 7  ? -8.812  -4.043  4.652   1.00 2.15  ? 23 C B N1     1 
ATOM 727 C C2     . C B 2 7  ? -8.482  -4.424  5.947   1.00 1.92  ? 23 C B C2     1 
ATOM 728 O O2     . C B 2 7  ? -8.939  -5.457  6.430   1.00 2.05  ? 23 C B O2     1 
ATOM 729 N N3     . C B 2 7  ? -7.647  -3.632  6.671   1.00 1.71  ? 23 C B N3     1 
ATOM 730 C C4     . C B 2 7  ? -7.151  -2.507  6.149   1.00 1.79  ? 23 C B C4     1 
ATOM 731 N N4     . C B 2 7  ? -6.334  -1.783  6.906   1.00 1.80  ? 23 C B N4     1 
ATOM 732 C C5     . C B 2 7  ? -7.484  -2.102  4.820   1.00 2.04  ? 23 C B C5     1 
ATOM 733 C C6     . C B 2 7  ? -8.308  -2.894  4.107   1.00 2.18  ? 23 C B C6     1 
ATOM 734 H "H5'"  . C B 2 7  ? -10.115 -2.600  0.812   1.00 3.25  ? 23 C B "H5'"  1 
ATOM 735 H "H5''" . C B 2 7  ? -11.773 -2.104  1.213   1.00 3.38  ? 23 C B "H5''" 1 
ATOM 736 H "H4'"  . C B 2 7  ? -11.639 -4.462  1.589   1.00 3.33  ? 23 C B "H4'"  1 
ATOM 737 H "H3'"  . C B 2 7  ? -11.685 -2.788  4.112   1.00 2.81  ? 23 C B "H3'"  1 
ATOM 738 H "H2'"  . C B 2 7  ? -11.141 -4.652  5.490   1.00 2.54  ? 23 C B "H2'"  1 
ATOM 739 H "HO2'" . C B 2 7  ? -12.066 -6.507  5.017   1.00 3.52  ? 23 C B "HO2'" 1 
ATOM 740 H "H1'"  . C B 2 7  ? -9.343  -5.943  3.899   1.00 2.55  ? 23 C B "H1'"  1 
ATOM 741 H H41    . C B 2 7  ? -6.110  -2.088  7.843   1.00 1.72  ? 23 C B H41    1 
ATOM 742 H H42    . C B 2 7  ? -5.936  -0.928  6.545   1.00 2.00  ? 23 C B H42    1 
ATOM 743 H H5     . C B 2 7  ? -7.092  -1.182  4.393   1.00 2.21  ? 23 C B H5     1 
ATOM 744 H H6     . C B 2 7  ? -8.550  -2.628  3.068   1.00 2.43  ? 23 C B H6     1 
ATOM 745 P P      . U B 2 8  ? -14.283 -3.784  4.516   1.00 3.47  ? 24 U B P      1 
ATOM 746 O OP1    . U B 2 8  ? -15.612 -3.908  3.878   1.00 3.90  ? 24 U B OP1    1 
ATOM 747 O OP2    . U B 2 8  ? -13.909 -2.525  5.200   1.00 3.65  ? 24 U B OP2    1 
ATOM 748 O "O5'"  . U B 2 8  ? -14.117 -4.991  5.577   1.00 3.42  ? 24 U B "O5'"  1 
ATOM 749 C "C5'"  . U B 2 8  ? -14.398 -6.349  5.207   1.00 3.63  ? 24 U B "C5'"  1 
ATOM 750 C "C4'"  . U B 2 8  ? -13.825 -7.342  6.222   1.00 3.56  ? 24 U B "C4'"  1 
ATOM 751 O "O4'"  . U B 2 8  ? -12.407 -7.149  6.338   1.00 3.24  ? 24 U B "O4'"  1 
ATOM 752 C "C3'"  . U B 2 8  ? -14.343 -7.170  7.642   1.00 3.55  ? 24 U B "C3'"  1 
ATOM 753 O "O3'"  . U B 2 8  ? -15.464 -8.052  7.810   1.00 3.93  ? 24 U B "O3'"  1 
ATOM 754 C "C2'"  . U B 2 8  ? -13.204 -7.721  8.477   1.00 3.36  ? 24 U B "C2'"  1 
ATOM 755 O "O2'"  . U B 2 8  ? -13.206 -9.154  8.446   1.00 3.60  ? 24 U B "O2'"  1 
ATOM 756 C "C1'"  . U B 2 8  ? -12.003 -7.173  7.721   1.00 3.06  ? 24 U B "C1'"  1 
ATOM 757 N N1     . U B 2 8  ? -11.656 -5.797  8.143   1.00 2.81  ? 24 U B N1     1 
ATOM 758 C C2     . U B 2 8  ? -10.743 -5.652  9.170   1.00 2.60  ? 24 U B C2     1 
ATOM 759 O O2     . U B 2 8  ? -10.242 -6.608  9.751   1.00 2.60  ? 24 U B O2     1 
ATOM 760 N N3     . U B 2 8  ? -10.436 -4.360  9.525   1.00 2.47  ? 24 U B N3     1 
ATOM 761 C C4     . U B 2 8  ? -10.951 -3.216  8.957   1.00 2.57  ? 24 U B C4     1 
ATOM 762 O O4     . U B 2 8  ? -10.594 -2.117  9.365   1.00 2.56  ? 24 U B O4     1 
ATOM 763 C C5     . U B 2 8  ? -11.898 -3.443  7.895   1.00 2.76  ? 24 U B C5     1 
ATOM 764 C C6     . U B 2 8  ? -12.214 -4.708  7.530   1.00 2.87  ? 24 U B C6     1 
ATOM 765 H "H5'"  . U B 2 8  ? -13.959 -6.549  4.229   1.00 3.71  ? 24 U B "H5'"  1 
ATOM 766 H "H5''" . U B 2 8  ? -15.478 -6.485  5.147   1.00 3.90  ? 24 U B "H5''" 1 
ATOM 767 H "H4'"  . U B 2 8  ? -14.005 -8.355  5.866   1.00 3.79  ? 24 U B "H4'"  1 
ATOM 768 H "H3'"  . U B 2 8  ? -14.592 -6.137  7.883   1.00 3.47  ? 24 U B "H3'"  1 
ATOM 769 H "H2'"  . U B 2 8  ? -13.237 -7.333  9.498   1.00 3.31  ? 24 U B "H2'"  1 
ATOM 770 H "HO2'" . U B 2 8  ? -13.979 -9.425  7.943   1.00 3.81  ? 24 U B "HO2'" 1 
ATOM 771 H "H1'"  . U B 2 8  ? -11.135 -7.823  7.836   1.00 2.98  ? 24 U B "H1'"  1 
ATOM 772 H H3     . U B 2 8  ? -9.768  -4.238  10.269  1.00 2.37  ? 24 U B H3     1 
ATOM 773 H H5     . U B 2 8  ? -12.359 -2.597  7.385   1.00 2.88  ? 24 U B H5     1 
ATOM 774 H H6     . U B 2 8  ? -12.933 -4.862  6.726   1.00 3.06  ? 24 U B H6     1 
ATOM 775 P P      . C B 2 9  ? -16.489 -7.859  9.042   1.00 4.20  ? 25 C B P      1 
ATOM 776 O OP1    . C B 2 9  ? -17.415 -9.014  9.061   1.00 4.96  ? 25 C B OP1    1 
ATOM 777 O OP2    . C B 2 9  ? -17.028 -6.482  8.982   1.00 4.09  ? 25 C B OP2    1 
ATOM 778 O "O5'"  . C B 2 9  ? -15.522 -7.961  10.332  1.00 3.94  ? 25 C B "O5'"  1 
ATOM 779 C "C5'"  . C B 2 9  ? -15.017 -9.229  10.773  1.00 4.08  ? 25 C B "C5'"  1 
ATOM 780 C "C4'"  . C B 2 9  ? -13.887 -9.070  11.793  1.00 3.81  ? 25 C B "C4'"  1 
ATOM 781 O "O4'"  . C B 2 9  ? -12.895 -8.183  11.277  1.00 3.33  ? 25 C B "O4'"  1 
ATOM 782 C "C3'"  . C B 2 9  ? -14.307 -8.438  13.111  1.00 3.91  ? 25 C B "C3'"  1 
ATOM 783 O "O3'"  . C B 2 9  ? -14.814 -9.436  14.006  1.00 4.35  ? 25 C B "O3'"  1 
ATOM 784 C "C2'"  . C B 2 9  ? -12.983 -7.889  13.625  1.00 3.57  ? 25 C B "C2'"  1 
ATOM 785 O "O2'"  . C B 2 9  ? -12.227 -8.927  14.265  1.00 3.73  ? 25 C B "O2'"  1 
ATOM 786 C "C1'"  . C B 2 9  ? -12.286 -7.437  12.339  1.00 3.14  ? 25 C B "C1'"  1 
ATOM 787 N N1     . C B 2 9  ? -12.470 -5.993  12.072  1.00 2.97  ? 25 C B N1     1 
ATOM 788 C C2     . C B 2 9  ? -11.444 -5.134  12.442  1.00 2.70  ? 25 C B C2     1 
ATOM 789 O O2     . C B 2 9  ? -10.425 -5.571  12.971  1.00 2.59  ? 25 C B O2     1 
ATOM 790 N N3     . C B 2 9  ? -11.590 -3.803  12.208  1.00 2.70  ? 25 C B N3     1 
ATOM 791 C C4     . C B 2 9  ? -12.699 -3.330  11.632  1.00 2.92  ? 25 C B C4     1 
ATOM 792 N N4     . C B 2 9  ? -12.778 -2.020  11.430  1.00 3.03  ? 25 C B N4     1 
ATOM 793 C C5     . C B 2 9  ? -13.762 -4.206  11.246  1.00 3.16  ? 25 C B C5     1 
ATOM 794 C C6     . C B 2 9  ? -13.607 -5.521  11.482  1.00 3.19  ? 25 C B C6     1 
ATOM 795 H "H5'"  . C B 2 9  ? -14.639 -9.781  9.911   1.00 4.13  ? 25 C B "H5'"  1 
ATOM 796 H "H5''" . C B 2 9  ? -15.829 -9.797  11.229  1.00 4.48  ? 25 C B "H5''" 1 
ATOM 797 H "H4'"  . C B 2 9  ? -13.425 -10.040 11.962  1.00 3.95  ? 25 C B "H4'"  1 
ATOM 798 H "H3'"  . C B 2 9  ? -15.027 -7.635  12.949  1.00 3.93  ? 25 C B "H3'"  1 
ATOM 799 H "HO3'" . C B 2 9  ? -14.074 -9.741  14.540  1.00 4.32  ? 25 C B "HO3'" 1 
ATOM 800 H "H2'"  . C B 2 9  ? -13.148 -7.042  14.295  1.00 3.59  ? 25 C B "H2'"  1 
ATOM 801 H "HO2'" . C B 2 9  ? -11.723 -9.377  13.582  1.00 3.93  ? 25 C B "HO2'" 1 
ATOM 802 H "H1'"  . C B 2 9  ? -11.220 -7.665  12.375  1.00 2.93  ? 25 C B "H1'"  1 
ATOM 803 H H41    . C B 2 9  ? -12.016 -1.418  11.709  1.00 2.99  ? 25 C B H41    1 
ATOM 804 H H42    . C B 2 9  ? -13.599 -1.625  10.998  1.00 3.24  ? 25 C B H42    1 
ATOM 805 H H5     . C B 2 9  ? -14.669 -3.829  10.776  1.00 3.40  ? 25 C B H5     1 
ATOM 806 H H6     . C B 2 9  ? -14.397 -6.217  11.197  1.00 3.49  ? 25 C B H6     1 
# 
